data_3AHI
#
_entry.id   3AHI
#
_cell.length_a   174.426
_cell.length_b   174.426
_cell.length_c   163.809
_cell.angle_alpha   90.00
_cell.angle_beta   90.00
_cell.angle_gamma   90.00
#
_symmetry.space_group_name_H-M   'I 4 2 2'
#
loop_
_entity.id
_entity.type
_entity.pdbx_description
1 polymer 'Xylulose 5-phosphate/fructose 6-phosphate phosphoketolase'
2 non-polymer 'MAGNESIUM ION'
3 non-polymer '2-ACETYL-THIAMINE DIPHOSPHATE'
4 non-polymer 'SODIUM ION'
5 non-polymer 1,2-ETHANEDIOL
6 water water
#
_entity_poly.entity_id   1
_entity_poly.type   'polypeptide(L)'
_entity_poly.pdbx_seq_one_letter_code
;MGSSHHHHHHSSGLVPRGSHMTNPVIGTPWQKLDRPVSEEAIEGMDKYWRVTNYMSIGQIYLRSNPLMKEPFTRDDVKHR
LVGHWGTTPGLNFLLAHINRLIADHQQNTVFIMGPGHGGPAGTSQSYVDGTYTEYYPNITKDEAGLQKFFRQFSYPGGIP
SHFAPETPGSIHEGGELGYALSHAYGAVMNNPSLFVPCIIGDGEAETGPLATGWQSNKLVNPRTDGIVLPILHLNGYKIA
NPTILARISDEELHDFFRGMGYHPYEFVAGFDNEDHMSIHRRFAELFETIFDEICDIKAAAQTDDMTRPFYPMLIFRTPK
GWTCPKFIDGKKTEGSWRAAQVPLASARDTEEHFEVLKGWMESYKPEELFNADGSIKDDVTAFMPKGELRIGANPNANGG
VIREDLKLPELDQYEVTGVKEYGHGWGQVEAPRALGAYCRDIIKNNPDSFRIFGPDETASNRLNATYEVTDKQWDNGYLS
GLVDEHMAVTGQVTEQLSEHQCEGFLEAYLLTGRHGIWSSYESFVHVIDSMLNQHAKWLEATVREIPWRKPISSVNLLVS
SHVWRQDHNGFSHQDPGVTSLLINKTFNNDHVTNIYFATDANMLLAISEKCFKSTNKINAIFAGKQPAPTWVTLDEARAE
LEAGAAEWKWASNAENNDEVQVVLASAGDVPTQELMAASDALNKMGIKFKVVNVVDLLKLQSRENNDEALTDEEFTELFT
ADKPVLFAYHSYAQDVRGLIYDRPNHDNFHVVGYKEQGSTTTPFDMVRVNDMDRYALQAAALKLIDADKYADKIDELNAF
RKKAFQFAVDNGYDIPEFTDWVYPDVKVDETQMLSATAATAGDNE
;
_entity_poly.pdbx_strand_id   A
#
loop_
_chem_comp.id
_chem_comp.type
_chem_comp.name
_chem_comp.formula
EDO non-polymer 1,2-ETHANEDIOL 'C2 H6 O2'
HTL non-polymer '2-ACETYL-THIAMINE DIPHOSPHATE' 'C14 H21 N4 O8 P2 S 1'
MG non-polymer 'MAGNESIUM ION' 'Mg 2'
NA non-polymer 'SODIUM ION' 'Na 1'
#
# COMPACT_ATOMS: atom_id res chain seq x y z
N VAL A 25 24.81 3.12 -11.72
CA VAL A 25 24.55 1.57 -11.94
C VAL A 25 25.03 0.77 -10.72
N ILE A 26 24.19 -0.04 -10.06
CA ILE A 26 24.71 -0.91 -8.96
C ILE A 26 25.31 -2.29 -9.47
N GLY A 27 26.58 -2.54 -9.21
CA GLY A 27 27.19 -3.85 -9.53
C GLY A 27 27.26 -4.05 -11.02
N THR A 28 27.22 -5.30 -11.46
CA THR A 28 27.39 -5.63 -12.89
C THR A 28 26.15 -6.54 -13.16
N PRO A 29 25.04 -5.97 -13.61
CA PRO A 29 23.76 -6.72 -13.64
C PRO A 29 23.80 -7.88 -14.66
N TRP A 30 23.16 -9.01 -14.31
CA TRP A 30 22.88 -10.08 -15.26
C TRP A 30 24.17 -10.71 -15.87
N GLN A 31 25.15 -10.96 -15.02
CA GLN A 31 26.42 -11.55 -15.50
C GLN A 31 26.42 -13.00 -15.01
N LYS A 32 26.81 -13.92 -15.88
CA LYS A 32 26.94 -15.35 -15.52
C LYS A 32 28.31 -15.58 -14.91
N LEU A 33 28.44 -16.60 -14.10
CA LEU A 33 29.77 -16.95 -13.56
C LEU A 33 30.67 -17.69 -14.57
N ASP A 34 30.16 -18.64 -15.34
CA ASP A 34 31.11 -19.48 -16.22
C ASP A 34 32.26 -20.26 -15.44
N ARG A 35 31.99 -20.58 -14.18
CA ARG A 35 32.78 -21.52 -13.40
C ARG A 35 31.84 -22.07 -12.32
N PRO A 36 32.16 -23.24 -11.74
CA PRO A 36 31.44 -23.71 -10.57
C PRO A 36 31.55 -22.73 -9.36
N VAL A 37 30.57 -22.79 -8.46
CA VAL A 37 30.68 -22.14 -7.16
C VAL A 37 31.85 -22.76 -6.42
N SER A 38 32.71 -21.93 -5.83
CA SER A 38 33.91 -22.45 -5.18
C SER A 38 33.53 -23.20 -3.89
N GLU A 39 34.39 -24.11 -3.48
CA GLU A 39 34.18 -24.83 -2.25
C GLU A 39 34.26 -23.90 -1.02
N GLU A 40 35.00 -22.80 -1.12
CA GLU A 40 35.06 -21.77 -0.05
C GLU A 40 33.67 -21.11 0.12
N ALA A 41 32.97 -20.89 -0.97
CA ALA A 41 31.67 -20.24 -0.88
C ALA A 41 30.70 -21.24 -0.26
N ILE A 42 30.75 -22.50 -0.65
CA ILE A 42 29.93 -23.52 0.00
C ILE A 42 30.19 -23.57 1.50
N GLU A 43 31.45 -23.59 1.94
CA GLU A 43 31.76 -23.64 3.36
C GLU A 43 31.18 -22.39 4.11
N GLY A 44 31.26 -21.22 3.46
CA GLY A 44 30.79 -19.95 4.11
C GLY A 44 29.27 -19.98 4.20
N MET A 45 28.58 -20.43 3.13
CA MET A 45 27.14 -20.59 3.18
C MET A 45 26.68 -21.54 4.27
N ASP A 46 27.38 -22.65 4.51
CA ASP A 46 26.95 -23.52 5.61
C ASP A 46 27.15 -22.83 6.98
N LYS A 47 28.23 -22.07 7.12
CA LYS A 47 28.44 -21.30 8.37
C LYS A 47 27.38 -20.20 8.54
N TYR A 48 27.02 -19.51 7.47
CA TYR A 48 25.99 -18.54 7.52
C TYR A 48 24.69 -19.23 8.00
N TRP A 49 24.35 -20.36 7.40
CA TRP A 49 23.09 -20.95 7.69
C TRP A 49 23.10 -21.36 9.16
N ARG A 50 24.22 -21.94 9.61
CA ARG A 50 24.28 -22.40 11.00
C ARG A 50 24.20 -21.18 12.00
N VAL A 51 24.90 -20.09 11.67
CA VAL A 51 24.97 -18.92 12.60
C VAL A 51 23.61 -18.15 12.65
N THR A 52 22.92 -18.00 11.52
CA THR A 52 21.62 -17.37 11.47
C THR A 52 20.52 -18.25 12.09
N ASN A 53 20.61 -19.57 11.91
CA ASN A 53 19.75 -20.49 12.68
C ASN A 53 20.01 -20.34 14.18
N TYR A 54 21.27 -20.45 14.57
CA TYR A 54 21.63 -20.25 15.99
C TYR A 54 21.10 -18.90 16.51
N MET A 55 21.37 -17.81 15.81
CA MET A 55 20.92 -16.50 16.33
C MET A 55 19.37 -16.29 16.31
N SER A 56 18.71 -16.97 15.40
CA SER A 56 17.28 -16.92 15.33
C SER A 56 16.74 -17.63 16.53
N ILE A 57 17.32 -18.78 16.87
CA ILE A 57 16.86 -19.50 18.08
C ILE A 57 17.20 -18.60 19.33
N GLY A 58 18.39 -18.00 19.32
CA GLY A 58 18.76 -17.09 20.42
C GLY A 58 17.75 -15.95 20.63
N GLN A 59 17.34 -15.31 19.53
CA GLN A 59 16.31 -14.25 19.57
C GLN A 59 14.98 -14.70 20.17
N ILE A 60 14.57 -15.90 19.83
CA ILE A 60 13.34 -16.39 20.33
C ILE A 60 13.43 -16.78 21.83
N TYR A 61 14.53 -17.40 22.25
CA TYR A 61 14.52 -18.14 23.52
C TYR A 61 15.30 -17.48 24.64
N LEU A 62 16.32 -16.71 24.29
CA LEU A 62 17.33 -16.34 25.31
C LEU A 62 17.33 -14.90 25.73
N ARG A 63 17.25 -14.72 27.03
CA ARG A 63 17.27 -13.37 27.59
C ARG A 63 18.69 -13.02 27.98
N SER A 64 19.55 -14.02 28.18
CA SER A 64 20.94 -13.68 28.54
C SER A 64 21.83 -14.86 28.14
N ASN A 65 23.14 -14.68 28.20
CA ASN A 65 24.14 -15.74 27.98
C ASN A 65 24.03 -16.33 26.51
N PRO A 66 24.25 -15.50 25.50
CA PRO A 66 23.97 -15.91 24.12
C PRO A 66 24.94 -16.97 23.59
N LEU A 67 26.11 -17.12 24.24
CA LEU A 67 27.09 -18.13 23.80
C LEU A 67 27.10 -19.32 24.70
N MET A 68 26.12 -19.41 25.58
CA MET A 68 25.99 -20.57 26.43
C MET A 68 27.24 -20.82 27.29
N LYS A 69 27.78 -19.72 27.84
CA LYS A 69 28.95 -19.84 28.72
C LYS A 69 28.56 -20.46 30.07
N GLU A 70 29.46 -21.19 30.66
CA GLU A 70 29.17 -21.83 31.97
C GLU A 70 28.92 -20.77 33.10
N PRO A 71 27.80 -20.86 33.88
CA PRO A 71 26.68 -21.84 33.73
C PRO A 71 25.55 -21.37 32.77
N PHE A 72 25.08 -22.30 31.95
CA PHE A 72 24.02 -21.96 31.01
C PHE A 72 22.84 -22.69 31.60
N THR A 73 21.79 -21.98 32.00
CA THR A 73 20.68 -22.60 32.74
C THR A 73 19.38 -22.04 32.25
N ARG A 74 18.31 -22.68 32.69
CA ARG A 74 16.94 -22.21 32.49
C ARG A 74 16.75 -20.74 32.85
N ASP A 75 17.63 -20.19 33.69
CA ASP A 75 17.46 -18.80 34.07
C ASP A 75 17.80 -17.91 32.89
N ASP A 76 18.56 -18.44 31.92
CA ASP A 76 18.86 -17.63 30.70
C ASP A 76 17.73 -17.58 29.66
N VAL A 77 16.69 -18.39 29.88
CA VAL A 77 15.57 -18.50 28.93
C VAL A 77 14.49 -17.42 29.22
N LYS A 78 14.00 -16.77 28.18
CA LYS A 78 12.88 -15.85 28.26
C LYS A 78 11.66 -16.41 28.97
N HIS A 79 11.04 -15.50 29.73
CA HIS A 79 9.90 -15.81 30.61
C HIS A 79 8.64 -15.89 29.74
N ARG A 80 8.62 -15.08 28.67
CA ARG A 80 7.55 -15.14 27.66
C ARG A 80 8.05 -15.61 26.26
N LEU A 81 7.92 -16.87 25.98
CA LEU A 81 8.47 -17.39 24.64
C LEU A 81 7.53 -17.11 23.49
N VAL A 82 7.85 -16.14 22.63
CA VAL A 82 6.95 -15.80 21.51
C VAL A 82 7.77 -15.81 20.21
N GLY A 83 7.15 -16.23 19.07
CA GLY A 83 7.91 -16.23 17.81
C GLY A 83 7.41 -17.28 16.85
N HIS A 84 8.13 -17.43 15.74
CA HIS A 84 7.69 -18.35 14.73
C HIS A 84 8.94 -19.06 14.25
N TRP A 85 9.21 -20.21 14.80
CA TRP A 85 10.43 -20.93 14.36
C TRP A 85 10.22 -21.50 12.92
N GLY A 86 9.08 -22.10 12.60
CA GLY A 86 9.06 -23.07 11.42
C GLY A 86 9.59 -22.54 10.07
N THR A 87 9.15 -21.33 9.68
CA THR A 87 9.58 -20.78 8.41
C THR A 87 11.09 -20.45 8.39
N THR A 88 11.59 -20.04 9.53
CA THR A 88 12.87 -19.40 9.66
C THR A 88 14.13 -20.14 9.15
N PRO A 89 14.33 -21.42 9.50
CA PRO A 89 15.55 -22.05 8.92
C PRO A 89 15.48 -22.20 7.35
N GLY A 90 14.27 -22.22 6.75
CA GLY A 90 14.21 -22.22 5.30
C GLY A 90 14.60 -20.88 4.77
N LEU A 91 14.12 -19.81 5.40
CA LEU A 91 14.54 -18.49 4.94
C LEU A 91 16.06 -18.29 5.08
N ASN A 92 16.65 -18.80 6.16
CA ASN A 92 18.07 -18.60 6.46
C ASN A 92 18.93 -19.36 5.38
N PHE A 93 18.44 -20.51 4.96
CA PHE A 93 19.10 -21.28 3.93
C PHE A 93 19.02 -20.50 2.62
N LEU A 94 17.85 -20.02 2.23
CA LEU A 94 17.76 -19.24 0.98
C LEU A 94 18.62 -17.99 1.02
N LEU A 95 18.63 -17.28 2.18
CA LEU A 95 19.37 -16.06 2.30
C LEU A 95 20.89 -16.34 2.20
N ALA A 96 21.35 -17.47 2.71
CA ALA A 96 22.78 -17.81 2.51
C ALA A 96 23.03 -17.88 1.03
N HIS A 97 22.11 -18.56 0.31
CA HIS A 97 22.40 -18.75 -1.10
C HIS A 97 22.20 -17.48 -1.91
N ILE A 98 21.23 -16.63 -1.50
CA ILE A 98 21.01 -15.38 -2.23
C ILE A 98 22.20 -14.43 -1.95
N ASN A 99 22.67 -14.38 -0.68
CA ASN A 99 23.91 -13.59 -0.43
C ASN A 99 25.11 -14.04 -1.33
N ARG A 100 25.27 -15.37 -1.39
CA ARG A 100 26.40 -15.96 -2.19
C ARG A 100 26.21 -15.50 -3.62
N LEU A 101 24.97 -15.59 -4.13
CA LEU A 101 24.68 -15.14 -5.50
C LEU A 101 25.02 -13.67 -5.77
N ILE A 102 24.53 -12.80 -4.87
CA ILE A 102 24.75 -11.41 -5.04
C ILE A 102 26.25 -11.11 -5.12
N ALA A 103 27.05 -11.73 -4.23
CA ALA A 103 28.46 -11.49 -4.15
C ALA A 103 29.19 -11.99 -5.43
N ASP A 104 28.92 -13.21 -5.84
CA ASP A 104 29.61 -13.79 -7.03
C ASP A 104 29.26 -13.07 -8.32
N HIS A 105 28.00 -12.64 -8.47
CA HIS A 105 27.54 -12.01 -9.73
C HIS A 105 27.54 -10.50 -9.64
N GLN A 106 27.84 -9.97 -8.44
CA GLN A 106 27.67 -8.53 -8.15
C GLN A 106 26.29 -8.05 -8.60
N GLN A 107 25.24 -8.71 -8.12
CA GLN A 107 23.90 -8.47 -8.68
C GLN A 107 23.10 -7.55 -7.76
N ASN A 108 22.64 -6.41 -8.29
CA ASN A 108 21.73 -5.46 -7.59
C ASN A 108 20.44 -6.28 -7.19
N THR A 109 20.19 -6.45 -5.91
CA THR A 109 19.16 -7.41 -5.45
C THR A 109 18.37 -6.87 -4.22
N VAL A 110 17.05 -7.01 -4.24
CA VAL A 110 16.19 -6.80 -3.04
C VAL A 110 15.39 -8.10 -2.97
N PHE A 111 15.30 -8.74 -1.82
CA PHE A 111 14.43 -9.89 -1.66
C PHE A 111 13.12 -9.54 -0.99
N ILE A 112 12.07 -10.38 -1.17
CA ILE A 112 10.83 -10.17 -0.45
C ILE A 112 10.65 -11.34 0.49
N MET A 113 10.41 -11.03 1.74
CA MET A 113 10.13 -12.13 2.68
C MET A 113 8.60 -12.31 2.83
N GLY A 114 7.95 -13.11 1.99
CA GLY A 114 6.50 -13.31 2.10
C GLY A 114 6.11 -13.74 3.50
N PRO A 115 6.80 -14.74 4.04
CA PRO A 115 6.49 -15.14 5.39
C PRO A 115 7.18 -14.24 6.43
N GLY A 116 6.61 -13.03 6.60
CA GLY A 116 7.29 -11.95 7.34
C GLY A 116 7.38 -12.25 8.81
N HIS A 117 6.62 -13.26 9.26
CA HIS A 117 6.77 -13.75 10.59
C HIS A 117 8.11 -14.44 10.80
N GLY A 118 8.86 -14.61 9.71
CA GLY A 118 10.24 -15.11 9.92
C GLY A 118 11.24 -13.99 10.19
N GLY A 119 10.78 -12.96 10.93
CA GLY A 119 11.62 -11.80 11.26
C GLY A 119 13.04 -12.12 11.71
N PRO A 120 13.22 -13.13 12.56
CA PRO A 120 14.62 -13.37 12.93
C PRO A 120 15.58 -13.72 11.82
N ALA A 121 15.06 -14.23 10.71
CA ALA A 121 15.95 -14.52 9.59
C ALA A 121 16.41 -13.18 8.94
N GLY A 122 15.54 -12.18 9.04
CA GLY A 122 15.81 -10.91 8.43
C GLY A 122 16.68 -10.04 9.30
N THR A 123 16.45 -10.07 10.62
CA THR A 123 17.37 -9.39 11.53
C THR A 123 18.77 -10.09 11.55
N SER A 124 18.78 -11.43 11.54
CA SER A 124 20.07 -12.15 11.53
C SER A 124 20.83 -11.83 10.28
N GLN A 125 20.10 -11.70 9.16
CA GLN A 125 20.78 -11.34 7.88
C GLN A 125 21.46 -10.01 8.05
N SER A 126 20.72 -9.03 8.60
CA SER A 126 21.29 -7.66 8.66
C SER A 126 22.48 -7.64 9.69
N TYR A 127 22.34 -8.38 10.77
CA TYR A 127 23.42 -8.43 11.75
C TYR A 127 24.70 -9.07 11.12
N VAL A 128 24.50 -10.19 10.39
CA VAL A 128 25.65 -10.79 9.69
C VAL A 128 26.24 -9.84 8.64
N ASP A 129 25.41 -9.17 7.84
CA ASP A 129 26.00 -8.35 6.76
C ASP A 129 26.62 -7.07 7.26
N GLY A 130 26.43 -6.75 8.54
CA GLY A 130 27.04 -5.55 9.08
C GLY A 130 26.09 -4.35 9.19
N THR A 131 25.01 -4.29 8.41
CA THR A 131 24.09 -3.13 8.44
C THR A 131 23.39 -2.95 9.77
N TYR A 132 23.14 -4.03 10.49
CA TYR A 132 22.40 -3.89 11.74
C TYR A 132 23.19 -2.99 12.75
N THR A 133 24.48 -3.30 12.92
CA THR A 133 25.37 -2.48 13.78
C THR A 133 25.56 -1.12 13.21
N GLU A 134 25.67 -0.95 11.88
CA GLU A 134 25.79 0.39 11.27
C GLU A 134 24.54 1.28 11.57
N TYR A 135 23.35 0.68 11.54
CA TYR A 135 22.13 1.45 11.79
C TYR A 135 21.81 1.52 13.28
N TYR A 136 22.19 0.49 14.04
CA TYR A 136 21.90 0.38 15.44
C TYR A 136 23.20 0.23 16.23
N PRO A 137 23.94 1.35 16.44
CA PRO A 137 25.29 1.21 17.02
C PRO A 137 25.39 0.52 18.37
N ASN A 138 24.31 0.45 19.14
CA ASN A 138 24.38 -0.24 20.43
C ASN A 138 24.40 -1.78 20.29
N ILE A 139 23.92 -2.29 19.15
CA ILE A 139 23.87 -3.75 18.95
C ILE A 139 25.21 -4.14 18.30
N THR A 140 26.25 -4.30 19.11
CA THR A 140 27.62 -4.26 18.57
C THR A 140 27.96 -5.73 18.14
N LYS A 141 29.09 -5.90 17.46
CA LYS A 141 29.52 -7.23 16.98
C LYS A 141 30.39 -7.96 17.96
N ASP A 142 29.83 -8.35 19.10
CA ASP A 142 30.61 -8.97 20.14
C ASP A 142 29.64 -9.55 21.15
N GLU A 143 30.12 -10.16 22.22
CA GLU A 143 29.22 -10.90 23.11
C GLU A 143 28.15 -9.95 23.73
N ALA A 144 28.53 -8.73 24.07
CA ALA A 144 27.52 -7.83 24.72
C ALA A 144 26.43 -7.47 23.69
N GLY A 145 26.81 -7.13 22.46
CA GLY A 145 25.85 -6.83 21.39
C GLY A 145 24.89 -8.00 21.08
N LEU A 146 25.40 -9.23 21.20
CA LEU A 146 24.72 -10.40 20.74
C LEU A 146 23.72 -10.68 21.84
N GLN A 147 24.13 -10.44 23.09
CA GLN A 147 23.17 -10.66 24.23
C GLN A 147 21.99 -9.72 24.04
N LYS A 148 22.31 -8.48 23.65
CA LYS A 148 21.24 -7.47 23.52
C LYS A 148 20.36 -7.82 22.30
N PHE A 149 21.00 -8.28 21.24
CA PHE A 149 20.29 -8.69 19.99
C PHE A 149 19.31 -9.85 20.30
N PHE A 150 19.75 -10.86 21.06
CA PHE A 150 18.85 -11.93 21.39
C PHE A 150 17.66 -11.41 22.22
N ARG A 151 17.95 -10.67 23.31
CA ARG A 151 16.87 -10.31 24.24
C ARG A 151 15.86 -9.39 23.54
N GLN A 152 16.32 -8.43 22.76
CA GLN A 152 15.41 -7.46 22.22
C GLN A 152 14.35 -7.97 21.22
N PHE A 153 14.56 -9.14 20.58
CA PHE A 153 13.56 -9.66 19.63
C PHE A 153 12.18 -9.91 20.29
N SER A 154 11.13 -9.28 19.77
CA SER A 154 9.74 -9.52 20.24
C SER A 154 9.63 -9.24 21.75
N TYR A 155 10.27 -8.18 22.19
CA TYR A 155 10.44 -8.00 23.62
C TYR A 155 10.10 -6.52 23.98
N PRO A 156 9.51 -6.30 25.17
CA PRO A 156 9.10 -4.87 25.48
C PRO A 156 10.29 -3.94 25.39
N GLY A 157 10.13 -2.81 24.72
CA GLY A 157 11.21 -1.83 24.48
C GLY A 157 12.13 -2.26 23.31
N GLY A 158 11.92 -3.49 22.78
CA GLY A 158 12.82 -4.03 21.76
C GLY A 158 12.24 -3.91 20.36
N ILE A 159 12.20 -5.06 19.61
CA ILE A 159 11.95 -4.89 18.15
C ILE A 159 10.80 -5.84 17.80
N PRO A 160 10.18 -5.64 16.64
CA PRO A 160 9.00 -6.43 16.30
C PRO A 160 9.27 -7.95 15.98
N SER A 161 8.20 -8.73 15.90
CA SER A 161 8.27 -10.18 15.56
C SER A 161 8.56 -10.36 14.05
N HIS A 162 8.16 -9.41 13.22
CA HIS A 162 8.13 -9.54 11.78
C HIS A 162 9.27 -8.74 11.14
N PHE A 163 9.41 -8.93 9.85
CA PHE A 163 10.46 -8.22 9.07
C PHE A 163 10.07 -6.73 8.87
N ALA A 164 10.04 -5.99 9.98
CA ALA A 164 9.42 -4.62 10.01
C ALA A 164 10.27 -3.59 9.28
N PRO A 165 9.70 -2.40 8.98
CA PRO A 165 10.50 -1.37 8.31
C PRO A 165 11.74 -0.91 9.09
N GLU A 166 11.80 -1.19 10.37
CA GLU A 166 13.02 -0.79 11.07
C GLU A 166 14.20 -1.82 10.84
N THR A 167 13.96 -2.84 10.02
CA THR A 167 15.02 -3.85 9.69
C THR A 167 15.61 -3.43 8.36
N PRO A 168 16.96 -3.25 8.30
CA PRO A 168 17.63 -2.92 7.03
C PRO A 168 17.39 -4.05 6.02
N GLY A 169 17.08 -3.74 4.75
CA GLY A 169 16.69 -4.86 3.85
C GLY A 169 15.23 -5.15 3.57
N SER A 170 14.36 -4.64 4.43
CA SER A 170 12.94 -4.78 4.28
C SER A 170 12.28 -3.70 3.46
N ILE A 171 11.49 -4.08 2.43
CA ILE A 171 10.45 -3.19 1.91
C ILE A 171 9.08 -3.87 2.02
N HIS A 172 8.93 -4.88 2.90
CA HIS A 172 7.72 -5.67 2.88
C HIS A 172 7.76 -6.40 4.19
N GLU A 173 6.83 -6.06 5.08
CA GLU A 173 6.84 -6.69 6.39
C GLU A 173 6.21 -8.10 6.41
N GLY A 174 5.29 -8.35 5.52
CA GLY A 174 4.73 -9.73 5.42
C GLY A 174 3.94 -10.16 6.61
N GLY A 175 3.23 -9.22 7.23
CA GLY A 175 2.43 -9.55 8.46
C GLY A 175 1.05 -10.04 7.99
N GLU A 176 0.42 -9.29 7.12
CA GLU A 176 -0.83 -9.69 6.48
C GLU A 176 -0.37 -10.33 5.16
N LEU A 177 -0.50 -11.64 5.09
CA LEU A 177 0.06 -12.42 3.95
C LEU A 177 -0.69 -12.11 2.63
N GLY A 178 0.02 -12.10 1.50
CA GLY A 178 -0.68 -12.18 0.22
C GLY A 178 -0.06 -11.25 -0.76
N TYR A 179 0.76 -10.26 -0.30
CA TYR A 179 1.20 -9.20 -1.24
C TYR A 179 2.64 -9.36 -1.72
N ALA A 180 3.23 -10.50 -1.47
CA ALA A 180 4.63 -10.70 -1.84
C ALA A 180 4.90 -10.45 -3.27
N LEU A 181 4.05 -10.98 -4.18
CA LEU A 181 4.30 -10.92 -5.63
C LEU A 181 3.97 -9.55 -6.19
N SER A 182 2.85 -8.92 -5.79
CA SER A 182 2.62 -7.52 -6.32
C SER A 182 3.77 -6.63 -5.87
N HIS A 183 4.24 -6.80 -4.65
CA HIS A 183 5.37 -5.94 -4.26
C HIS A 183 6.63 -6.23 -5.08
N ALA A 184 6.92 -7.54 -5.26
CA ALA A 184 8.15 -7.93 -6.06
C ALA A 184 8.05 -7.35 -7.43
N TYR A 185 6.88 -7.49 -8.06
CA TYR A 185 6.80 -7.00 -9.46
C TYR A 185 6.79 -5.50 -9.54
N GLY A 186 6.13 -4.84 -8.56
CA GLY A 186 6.15 -3.37 -8.60
C GLY A 186 7.63 -2.88 -8.42
N ALA A 187 8.39 -3.56 -7.56
CA ALA A 187 9.79 -3.16 -7.38
C ALA A 187 10.62 -3.24 -8.67
N VAL A 188 10.38 -4.22 -9.57
CA VAL A 188 11.26 -4.34 -10.73
C VAL A 188 10.75 -3.48 -11.88
N MET A 189 9.57 -2.85 -11.77
CA MET A 189 9.10 -2.02 -12.88
C MET A 189 10.01 -0.83 -13.08
N ASN A 190 10.25 -0.48 -14.32
CA ASN A 190 11.31 0.50 -14.68
C ASN A 190 12.61 0.33 -13.90
N ASN A 191 12.94 -0.90 -13.45
CA ASN A 191 14.13 -1.04 -12.68
C ASN A 191 14.98 -2.15 -13.37
N PRO A 192 15.53 -1.89 -14.57
CA PRO A 192 15.97 -3.09 -15.33
C PRO A 192 17.19 -3.79 -14.76
N SER A 193 17.97 -3.16 -13.85
CA SER A 193 19.13 -3.82 -13.32
C SER A 193 18.78 -4.63 -12.07
N LEU A 194 17.51 -4.61 -11.62
CA LEU A 194 17.20 -5.13 -10.25
C LEU A 194 16.71 -6.54 -10.31
N PHE A 195 17.21 -7.37 -9.42
CA PHE A 195 16.78 -8.80 -9.35
C PHE A 195 15.99 -8.93 -8.04
N VAL A 196 14.79 -9.49 -8.07
CA VAL A 196 14.07 -9.72 -6.86
C VAL A 196 13.69 -11.18 -6.61
N PRO A 197 14.49 -11.86 -5.80
CA PRO A 197 13.99 -13.17 -5.36
C PRO A 197 12.85 -12.98 -4.36
N CYS A 198 11.68 -13.52 -4.68
CA CYS A 198 10.48 -13.27 -3.89
C CYS A 198 10.08 -14.55 -3.16
N ILE A 199 10.32 -14.63 -1.83
CA ILE A 199 10.07 -15.83 -1.07
C ILE A 199 8.60 -15.85 -0.67
N ILE A 200 7.86 -16.84 -1.18
CA ILE A 200 6.40 -16.89 -0.92
C ILE A 200 6.00 -18.07 -0.01
N GLY A 201 5.23 -17.82 1.06
CA GLY A 201 4.78 -18.95 1.90
C GLY A 201 3.86 -19.89 1.10
N ASP A 202 3.90 -21.17 1.39
CA ASP A 202 2.98 -22.00 0.65
C ASP A 202 1.54 -21.82 1.18
N GLY A 203 1.39 -21.41 2.46
CA GLY A 203 0.03 -20.98 2.99
C GLY A 203 -0.35 -19.64 2.37
N GLU A 204 0.61 -18.71 2.33
CA GLU A 204 0.37 -17.45 1.67
C GLU A 204 -0.17 -17.66 0.26
N ALA A 205 0.36 -18.69 -0.44
CA ALA A 205 -0.08 -18.92 -1.82
C ALA A 205 -1.55 -19.29 -1.89
N GLU A 206 -2.17 -19.73 -0.80
CA GLU A 206 -3.64 -19.98 -0.77
C GLU A 206 -4.47 -18.69 -0.73
N THR A 207 -3.84 -17.52 -0.54
CA THR A 207 -4.64 -16.27 -0.53
C THR A 207 -5.00 -15.80 -1.93
N GLY A 208 -6.12 -15.11 -2.04
CA GLY A 208 -6.47 -14.41 -3.27
C GLY A 208 -5.42 -13.52 -3.88
N PRO A 209 -4.94 -12.52 -3.11
CA PRO A 209 -3.97 -11.63 -3.72
C PRO A 209 -2.68 -12.34 -4.24
N LEU A 210 -2.17 -13.31 -3.52
CA LEU A 210 -0.95 -14.01 -3.98
C LEU A 210 -1.30 -14.81 -5.27
N ALA A 211 -2.45 -15.47 -5.30
CA ALA A 211 -2.83 -16.28 -6.45
C ALA A 211 -2.91 -15.48 -7.74
N THR A 212 -3.41 -14.27 -7.69
CA THR A 212 -3.42 -13.47 -8.89
C THR A 212 -2.04 -12.83 -9.12
N GLY A 213 -1.22 -12.66 -8.04
CA GLY A 213 0.11 -12.04 -8.21
C GLY A 213 1.02 -12.80 -9.19
N TRP A 214 0.79 -14.11 -9.35
CA TRP A 214 1.61 -14.91 -10.29
C TRP A 214 1.53 -14.41 -11.72
N GLN A 215 0.38 -13.84 -12.06
CA GLN A 215 0.14 -13.41 -13.43
C GLN A 215 0.81 -12.11 -13.83
N SER A 216 1.52 -11.46 -12.91
CA SER A 216 2.15 -10.19 -13.22
C SER A 216 3.19 -10.28 -14.31
N ASN A 217 3.69 -11.50 -14.60
CA ASN A 217 4.72 -11.62 -15.60
C ASN A 217 4.16 -11.36 -17.02
N LYS A 218 2.84 -11.23 -17.16
CA LYS A 218 2.27 -10.73 -18.45
C LYS A 218 2.29 -9.19 -18.54
N LEU A 219 2.75 -8.53 -17.47
CA LEU A 219 2.63 -7.07 -17.40
C LEU A 219 3.98 -6.36 -17.23
N VAL A 220 5.06 -7.09 -17.27
CA VAL A 220 6.43 -6.51 -17.20
C VAL A 220 7.19 -6.84 -18.47
N ASN A 221 8.19 -6.03 -18.80
CA ASN A 221 8.90 -6.23 -19.99
C ASN A 221 10.32 -6.61 -19.59
N PRO A 222 10.89 -7.68 -20.20
CA PRO A 222 12.22 -8.12 -19.74
C PRO A 222 13.36 -7.18 -20.12
N ARG A 223 13.17 -6.28 -21.08
CA ARG A 223 14.22 -5.28 -21.38
C ARG A 223 14.09 -4.11 -20.42
N THR A 224 12.90 -3.50 -20.30
CA THR A 224 12.80 -2.20 -19.52
C THR A 224 12.53 -2.36 -18.07
N ASP A 225 12.11 -3.54 -17.65
CA ASP A 225 11.90 -3.81 -16.20
C ASP A 225 12.91 -4.82 -15.69
N GLY A 226 13.00 -5.03 -14.36
CA GLY A 226 13.97 -6.03 -13.82
C GLY A 226 13.35 -7.40 -13.81
N ILE A 227 13.83 -8.30 -12.98
CA ILE A 227 13.36 -9.68 -13.05
C ILE A 227 12.97 -10.15 -11.65
N VAL A 228 11.77 -10.71 -11.53
CA VAL A 228 11.36 -11.38 -10.27
C VAL A 228 11.64 -12.85 -10.40
N LEU A 229 12.21 -13.43 -9.33
CA LEU A 229 12.32 -14.91 -9.24
C LEU A 229 11.43 -15.37 -8.07
N PRO A 230 10.23 -15.93 -8.39
CA PRO A 230 9.39 -16.37 -7.30
C PRO A 230 10.02 -17.63 -6.74
N ILE A 231 10.08 -17.70 -5.41
CA ILE A 231 10.56 -18.90 -4.75
C ILE A 231 9.43 -19.30 -3.83
N LEU A 232 8.82 -20.44 -4.14
CA LEU A 232 7.77 -20.96 -3.33
C LEU A 232 8.39 -21.72 -2.16
N HIS A 233 8.13 -21.25 -0.95
CA HIS A 233 8.73 -21.83 0.27
C HIS A 233 7.77 -22.98 0.63
N LEU A 234 7.93 -24.06 -0.14
CA LEU A 234 6.99 -25.16 -0.03
C LEU A 234 7.41 -26.05 1.13
N ASN A 235 7.16 -25.57 2.36
CA ASN A 235 7.60 -26.35 3.54
C ASN A 235 6.54 -27.31 4.06
N GLY A 236 5.44 -27.42 3.31
CA GLY A 236 4.45 -28.51 3.48
C GLY A 236 3.24 -28.06 4.31
N TYR A 237 3.37 -26.95 5.04
CA TYR A 237 2.45 -26.60 6.13
C TYR A 237 2.25 -25.11 6.31
N LYS A 238 1.12 -24.78 6.86
CA LYS A 238 0.87 -23.41 7.37
C LYS A 238 0.84 -23.57 8.89
N ILE A 239 -0.11 -22.93 9.60
CA ILE A 239 -0.04 -22.97 11.06
C ILE A 239 -0.45 -24.30 11.64
N ALA A 240 -1.54 -24.84 11.14
CA ALA A 240 -2.14 -26.06 11.76
C ALA A 240 -2.69 -26.95 10.68
N ASN A 241 -2.19 -26.84 9.45
CA ASN A 241 -2.73 -27.64 8.35
C ASN A 241 -1.62 -27.82 7.33
N PRO A 242 -1.71 -28.88 6.47
CA PRO A 242 -0.79 -28.89 5.38
C PRO A 242 -1.25 -27.76 4.43
N THR A 243 -0.46 -27.48 3.40
CA THR A 243 -0.91 -26.56 2.33
C THR A 243 -1.40 -27.25 1.05
N ILE A 244 -2.25 -26.53 0.35
CA ILE A 244 -2.79 -27.04 -0.87
C ILE A 244 -1.69 -27.37 -1.88
N LEU A 245 -0.77 -26.43 -2.13
CA LEU A 245 0.29 -26.67 -3.11
C LEU A 245 1.28 -27.78 -2.76
N ALA A 246 1.48 -28.11 -1.47
CA ALA A 246 2.42 -29.12 -1.12
C ALA A 246 1.81 -30.49 -1.30
N ARG A 247 0.49 -30.58 -1.29
CA ARG A 247 -0.10 -31.93 -1.30
C ARG A 247 -0.76 -32.26 -2.64
N ILE A 248 -0.83 -31.33 -3.62
CA ILE A 248 -1.33 -31.77 -4.93
C ILE A 248 -0.19 -32.65 -5.59
N SER A 249 -0.44 -33.32 -6.71
CA SER A 249 0.65 -34.13 -7.34
C SER A 249 1.69 -33.20 -7.96
N ASP A 250 2.89 -33.74 -8.16
CA ASP A 250 4.00 -32.96 -8.68
C ASP A 250 3.69 -32.52 -10.12
N GLU A 251 2.96 -33.34 -10.84
CA GLU A 251 2.59 -32.99 -12.17
C GLU A 251 1.58 -31.81 -12.20
N GLU A 252 0.60 -31.81 -11.29
CA GLU A 252 -0.25 -30.60 -11.17
C GLU A 252 0.56 -29.37 -10.82
N LEU A 253 1.43 -29.50 -9.82
CA LEU A 253 2.21 -28.32 -9.37
C LEU A 253 3.01 -27.70 -10.55
N HIS A 254 3.69 -28.56 -11.34
CA HIS A 254 4.46 -28.05 -12.44
C HIS A 254 3.62 -27.50 -13.53
N ASP A 255 2.48 -28.15 -13.84
CA ASP A 255 1.61 -27.64 -14.90
C ASP A 255 1.08 -26.24 -14.48
N PHE A 256 0.76 -26.13 -13.21
CA PHE A 256 0.22 -24.84 -12.70
C PHE A 256 1.18 -23.68 -13.01
N PHE A 257 2.45 -23.81 -12.63
CA PHE A 257 3.40 -22.71 -12.85
C PHE A 257 3.74 -22.55 -14.30
N ARG A 258 3.84 -23.65 -15.06
CA ARG A 258 4.00 -23.50 -16.53
C ARG A 258 2.81 -22.79 -17.15
N GLY A 259 1.60 -23.06 -16.64
CA GLY A 259 0.43 -22.43 -17.23
C GLY A 259 0.35 -20.97 -16.93
N MET A 260 1.06 -20.56 -15.89
CA MET A 260 1.14 -19.13 -15.54
C MET A 260 2.41 -18.45 -16.11
N GLY A 261 3.09 -19.16 -17.02
CA GLY A 261 4.12 -18.47 -17.80
C GLY A 261 5.48 -18.57 -17.16
N TYR A 262 5.68 -19.58 -16.29
CA TYR A 262 7.03 -19.75 -15.69
C TYR A 262 7.66 -21.05 -16.19
N HIS A 263 8.99 -21.17 -16.05
CA HIS A 263 9.71 -22.43 -16.13
C HIS A 263 10.00 -22.93 -14.73
N PRO A 264 9.31 -23.96 -14.31
CA PRO A 264 9.43 -24.34 -12.91
C PRO A 264 10.65 -25.24 -12.72
N TYR A 265 11.44 -24.96 -11.70
CA TYR A 265 12.52 -25.79 -11.26
C TYR A 265 12.12 -26.19 -9.84
N GLU A 266 12.54 -27.34 -9.37
CA GLU A 266 12.12 -27.79 -8.06
C GLU A 266 13.35 -28.35 -7.35
N PHE A 267 13.51 -27.95 -6.10
CA PHE A 267 14.57 -28.45 -5.28
C PHE A 267 13.91 -29.13 -4.07
N VAL A 268 14.41 -30.31 -3.69
CA VAL A 268 13.90 -31.07 -2.55
C VAL A 268 15.11 -31.43 -1.68
N ALA A 269 15.06 -31.10 -0.39
CA ALA A 269 16.18 -31.37 0.55
C ALA A 269 15.67 -31.47 1.96
N GLY A 270 16.42 -32.18 2.79
CA GLY A 270 16.13 -32.16 4.24
C GLY A 270 15.24 -33.32 4.64
N PHE A 271 14.74 -34.14 3.71
CA PHE A 271 13.81 -35.23 4.10
C PHE A 271 14.55 -36.56 4.32
N ASP A 272 15.86 -36.64 4.08
CA ASP A 272 16.59 -37.90 4.21
C ASP A 272 17.88 -37.57 4.94
N ASN A 273 18.93 -38.38 4.75
CA ASN A 273 20.14 -38.25 5.55
C ASN A 273 21.25 -37.52 4.76
N GLU A 274 20.90 -36.89 3.63
CA GLU A 274 21.88 -36.14 2.81
C GLU A 274 22.60 -35.15 3.73
N ASP A 275 23.93 -35.09 3.66
CA ASP A 275 24.67 -34.19 4.55
C ASP A 275 24.48 -32.75 4.06
N HIS A 276 24.58 -31.81 4.98
CA HIS A 276 24.32 -30.41 4.65
C HIS A 276 25.21 -29.82 3.60
N MET A 277 26.51 -30.12 3.68
CA MET A 277 27.44 -29.68 2.58
C MET A 277 26.98 -30.11 1.18
N SER A 278 26.54 -31.37 1.05
CA SER A 278 26.04 -31.83 -0.25
C SER A 278 24.81 -31.07 -0.69
N ILE A 279 23.95 -30.75 0.26
CA ILE A 279 22.70 -30.02 -0.03
C ILE A 279 23.09 -28.63 -0.60
N HIS A 280 24.02 -27.93 0.06
CA HIS A 280 24.50 -26.63 -0.44
C HIS A 280 25.09 -26.68 -1.82
N ARG A 281 25.90 -27.71 -2.07
CA ARG A 281 26.49 -27.79 -3.44
C ARG A 281 25.42 -28.01 -4.45
N ARG A 282 24.46 -28.94 -4.14
CA ARG A 282 23.38 -29.16 -5.10
C ARG A 282 22.53 -27.91 -5.28
N PHE A 283 22.24 -27.16 -4.19
CA PHE A 283 21.38 -25.95 -4.40
C PHE A 283 22.10 -24.91 -5.20
N ALA A 284 23.38 -24.75 -4.90
CA ALA A 284 24.16 -23.68 -5.56
C ALA A 284 24.22 -23.92 -7.06
N GLU A 285 24.48 -25.18 -7.43
CA GLU A 285 24.46 -25.53 -8.82
C GLU A 285 23.11 -25.28 -9.44
N LEU A 286 22.05 -25.68 -8.76
CA LEU A 286 20.70 -25.31 -9.27
C LEU A 286 20.45 -23.79 -9.40
N PHE A 287 20.87 -23.03 -8.40
CA PHE A 287 20.56 -21.63 -8.37
C PHE A 287 21.39 -20.97 -9.51
N GLU A 288 22.59 -21.48 -9.79
CA GLU A 288 23.37 -20.97 -10.94
C GLU A 288 22.68 -21.30 -12.28
N THR A 289 22.07 -22.48 -12.41
CA THR A 289 21.30 -22.80 -13.67
C THR A 289 20.14 -21.81 -13.79
N ILE A 290 19.52 -21.53 -12.65
CA ILE A 290 18.36 -20.61 -12.72
C ILE A 290 18.82 -19.22 -13.15
N PHE A 291 19.90 -18.73 -12.52
CA PHE A 291 20.39 -17.39 -12.79
C PHE A 291 20.91 -17.26 -14.19
N ASP A 292 21.59 -18.31 -14.67
CA ASP A 292 22.05 -18.32 -16.05
C ASP A 292 20.88 -18.13 -17.00
N GLU A 293 19.76 -18.79 -16.71
CA GLU A 293 18.61 -18.64 -17.60
C GLU A 293 18.02 -17.22 -17.54
N ILE A 294 18.02 -16.61 -16.35
CA ILE A 294 17.63 -15.23 -16.18
C ILE A 294 18.59 -14.30 -16.98
N CYS A 295 19.91 -14.54 -16.85
CA CYS A 295 20.86 -13.76 -17.67
C CYS A 295 20.65 -13.97 -19.15
N ASP A 296 20.29 -15.19 -19.58
CA ASP A 296 19.98 -15.41 -21.02
C ASP A 296 18.73 -14.64 -21.42
N ILE A 297 17.73 -14.68 -20.54
CA ILE A 297 16.50 -13.92 -20.81
C ILE A 297 16.83 -12.43 -20.91
N LYS A 298 17.64 -11.92 -19.97
CA LYS A 298 18.02 -10.52 -20.02
C LYS A 298 18.81 -10.14 -21.26
N ALA A 299 19.74 -10.99 -21.70
CA ALA A 299 20.51 -10.68 -22.90
C ALA A 299 19.59 -10.76 -24.12
N ALA A 300 18.79 -11.80 -24.21
CA ALA A 300 17.88 -11.93 -25.35
C ALA A 300 16.96 -10.70 -25.52
N ALA A 301 16.50 -10.16 -24.38
CA ALA A 301 15.52 -9.06 -24.36
C ALA A 301 16.15 -7.76 -24.93
N GLN A 302 17.48 -7.69 -24.96
CA GLN A 302 18.14 -6.54 -25.64
C GLN A 302 17.80 -6.48 -27.13
N THR A 303 17.50 -7.64 -27.75
CA THR A 303 17.17 -7.69 -29.18
C THR A 303 15.69 -7.95 -29.45
N ASP A 304 15.09 -8.87 -28.67
CA ASP A 304 13.66 -9.21 -28.90
C ASP A 304 12.96 -8.84 -27.59
N ASP A 305 12.32 -7.67 -27.51
CA ASP A 305 11.74 -7.34 -26.24
C ASP A 305 10.22 -7.59 -26.33
N MET A 306 9.79 -8.20 -27.45
CA MET A 306 8.38 -8.49 -27.65
C MET A 306 7.98 -9.93 -27.33
N THR A 307 8.89 -10.87 -27.36
CA THR A 307 8.49 -12.22 -26.99
C THR A 307 8.54 -12.38 -25.47
N ARG A 308 7.42 -12.75 -24.84
CA ARG A 308 7.38 -12.91 -23.42
C ARG A 308 8.11 -14.21 -23.11
N PRO A 309 9.17 -14.18 -22.26
CA PRO A 309 9.83 -15.48 -22.02
C PRO A 309 9.13 -16.23 -20.88
N PHE A 310 9.41 -17.50 -20.75
CA PHE A 310 8.98 -18.25 -19.54
C PHE A 310 9.98 -18.01 -18.39
N TYR A 311 9.67 -17.14 -17.39
CA TYR A 311 10.64 -16.78 -16.37
C TYR A 311 10.77 -17.99 -15.46
N PRO A 312 11.96 -18.33 -14.97
CA PRO A 312 12.11 -19.37 -13.99
C PRO A 312 11.30 -19.05 -12.72
N MET A 313 10.85 -20.11 -12.05
CA MET A 313 10.40 -19.96 -10.68
C MET A 313 10.97 -21.16 -9.96
N LEU A 314 11.08 -21.09 -8.63
CA LEU A 314 11.69 -22.15 -7.89
C LEU A 314 10.72 -22.71 -6.89
N ILE A 315 10.44 -24.03 -6.99
CA ILE A 315 9.65 -24.71 -5.99
C ILE A 315 10.68 -25.20 -4.98
N PHE A 316 10.63 -24.71 -3.74
CA PHE A 316 11.71 -25.04 -2.79
C PHE A 316 11.08 -25.88 -1.69
N ARG A 317 11.31 -27.19 -1.72
CA ARG A 317 10.57 -28.10 -0.85
C ARG A 317 11.51 -28.65 0.20
N THR A 318 11.31 -28.22 1.46
CA THR A 318 12.14 -28.59 2.59
C THR A 318 11.18 -28.73 3.84
N PRO A 319 11.63 -29.35 4.91
CA PRO A 319 10.71 -29.65 6.03
C PRO A 319 10.52 -28.40 6.87
N LYS A 320 9.28 -28.09 7.20
CA LYS A 320 9.04 -26.93 8.06
C LYS A 320 9.83 -27.09 9.35
N GLY A 321 10.52 -26.04 9.78
CA GLY A 321 11.24 -26.14 11.06
C GLY A 321 12.58 -26.80 10.88
N TRP A 322 12.92 -27.13 9.63
CA TRP A 322 14.23 -27.79 9.27
C TRP A 322 15.39 -27.53 10.27
N THR A 323 15.90 -28.61 10.82
CA THR A 323 17.04 -28.68 11.78
C THR A 323 16.63 -28.62 13.22
N CYS A 324 15.36 -28.37 13.50
CA CYS A 324 14.94 -28.46 14.90
C CYS A 324 14.76 -29.95 15.27
N PRO A 325 14.51 -30.25 16.56
CA PRO A 325 14.37 -31.66 16.95
C PRO A 325 13.28 -32.38 16.18
N LYS A 326 13.54 -33.61 15.75
CA LYS A 326 12.56 -34.27 14.91
C LYS A 326 11.23 -34.56 15.67
N PHE A 327 11.36 -35.00 16.94
CA PHE A 327 10.21 -35.31 17.81
C PHE A 327 10.39 -34.61 19.13
N ILE A 328 9.32 -34.04 19.68
CA ILE A 328 9.37 -33.41 21.02
C ILE A 328 8.20 -33.99 21.76
N ASP A 329 8.44 -34.65 22.89
CA ASP A 329 7.30 -35.24 23.64
C ASP A 329 6.47 -36.19 22.78
N GLY A 330 7.18 -36.96 21.95
CA GLY A 330 6.53 -37.97 21.10
C GLY A 330 5.79 -37.40 19.89
N LYS A 331 5.89 -36.09 19.61
CA LYS A 331 5.16 -35.46 18.46
C LYS A 331 6.15 -35.01 17.39
N LYS A 332 5.85 -35.33 16.13
CA LYS A 332 6.71 -34.98 15.02
C LYS A 332 6.69 -33.47 14.95
N THR A 333 7.88 -32.87 15.05
CA THR A 333 8.03 -31.41 15.03
C THR A 333 8.70 -30.91 13.74
N GLU A 334 9.97 -31.23 13.46
CA GLU A 334 10.50 -30.92 12.14
C GLU A 334 9.64 -31.60 11.07
N GLY A 335 9.29 -30.94 9.95
CA GLY A 335 8.47 -31.59 8.89
C GLY A 335 7.04 -31.62 9.30
N SER A 336 6.60 -30.66 10.12
CA SER A 336 5.23 -30.59 10.58
C SER A 336 4.77 -29.17 10.79
N TRP A 337 3.45 -28.95 10.74
CA TRP A 337 2.83 -27.70 11.25
C TRP A 337 3.17 -27.42 12.75
N ARG A 338 3.50 -28.45 13.50
CA ARG A 338 3.84 -28.26 14.92
C ARG A 338 5.13 -27.43 15.05
N ALA A 339 5.89 -27.33 13.96
CA ALA A 339 7.11 -26.48 14.04
C ALA A 339 6.79 -24.98 13.87
N ALA A 340 5.52 -24.65 13.65
CA ALA A 340 5.14 -23.30 13.20
C ALA A 340 5.44 -22.22 14.25
N GLN A 341 5.08 -22.48 15.51
CA GLN A 341 5.12 -21.41 16.52
C GLN A 341 6.45 -21.54 17.33
N VAL A 342 6.41 -21.93 18.61
CA VAL A 342 7.61 -21.97 19.44
C VAL A 342 7.67 -23.38 19.96
N PRO A 343 8.57 -24.19 19.40
CA PRO A 343 8.85 -25.46 20.00
C PRO A 343 9.35 -25.32 21.47
N LEU A 344 9.15 -26.37 22.29
CA LEU A 344 9.74 -26.42 23.62
C LEU A 344 9.23 -25.25 24.46
N ALA A 345 7.90 -25.09 24.51
CA ALA A 345 7.26 -23.96 25.19
C ALA A 345 7.64 -23.94 26.70
N SER A 346 7.98 -25.10 27.25
CA SER A 346 8.43 -25.21 28.65
C SER A 346 9.96 -25.03 28.85
N ALA A 347 10.68 -24.48 27.86
CA ALA A 347 12.17 -24.44 27.97
C ALA A 347 12.68 -23.74 29.28
N ARG A 348 11.96 -22.70 29.74
CA ARG A 348 12.34 -22.09 31.01
C ARG A 348 11.93 -22.90 32.30
N ASP A 349 10.88 -23.71 32.19
CA ASP A 349 10.18 -24.27 33.34
C ASP A 349 10.52 -25.74 33.62
N THR A 350 11.05 -26.48 32.63
CA THR A 350 11.32 -27.86 32.93
C THR A 350 12.71 -28.14 32.47
N GLU A 351 13.46 -28.92 33.23
CA GLU A 351 14.78 -29.29 32.79
C GLU A 351 14.69 -30.14 31.49
N GLU A 352 13.60 -30.90 31.28
CA GLU A 352 13.40 -31.71 30.07
C GLU A 352 13.36 -30.82 28.79
N HIS A 353 12.53 -29.78 28.77
CA HIS A 353 12.58 -28.87 27.63
C HIS A 353 13.86 -28.13 27.53
N PHE A 354 14.41 -27.69 28.66
CA PHE A 354 15.71 -27.01 28.61
C PHE A 354 16.84 -27.87 28.02
N GLU A 355 16.90 -29.15 28.37
CA GLU A 355 18.00 -30.00 27.88
C GLU A 355 17.90 -30.12 26.35
N VAL A 356 16.68 -30.28 25.86
CA VAL A 356 16.42 -30.37 24.41
C VAL A 356 16.85 -29.05 23.74
N LEU A 357 16.48 -27.91 24.34
CA LEU A 357 16.89 -26.64 23.74
C LEU A 357 18.42 -26.54 23.70
N LYS A 358 19.06 -27.00 24.79
CA LYS A 358 20.51 -26.83 24.86
C LYS A 358 21.19 -27.66 23.77
N GLY A 359 20.75 -28.91 23.59
CA GLY A 359 21.32 -29.74 22.54
C GLY A 359 21.03 -29.18 21.15
N TRP A 360 19.84 -28.64 20.95
CA TRP A 360 19.49 -28.02 19.68
C TRP A 360 20.44 -26.87 19.35
N MET A 361 20.55 -25.87 20.26
CA MET A 361 21.49 -24.79 20.05
C MET A 361 22.89 -25.31 19.85
N GLU A 362 23.32 -26.35 20.62
CA GLU A 362 24.71 -26.83 20.47
C GLU A 362 24.92 -27.50 19.06
N SER A 363 23.83 -27.99 18.41
CA SER A 363 24.03 -28.80 17.18
C SER A 363 24.57 -27.90 16.06
N TYR A 364 24.48 -26.57 16.21
CA TYR A 364 25.01 -25.66 15.18
C TYR A 364 26.49 -25.42 15.34
N LYS A 365 27.02 -25.95 16.45
CA LYS A 365 28.42 -25.77 16.84
C LYS A 365 28.86 -24.29 16.90
N PRO A 366 28.21 -23.48 17.75
CA PRO A 366 28.59 -22.06 17.73
C PRO A 366 30.04 -21.77 18.07
N GLU A 367 30.73 -22.69 18.75
CA GLU A 367 32.16 -22.52 19.11
C GLU A 367 32.99 -22.48 17.84
N GLU A 368 32.42 -22.88 16.69
CA GLU A 368 33.14 -22.69 15.44
C GLU A 368 32.75 -21.44 14.72
N LEU A 369 31.67 -20.78 15.14
CA LEU A 369 31.14 -19.67 14.38
C LEU A 369 31.50 -18.32 15.02
N PHE A 370 31.75 -18.28 16.32
CA PHE A 370 32.01 -17.02 17.02
C PHE A 370 33.40 -17.06 17.63
N ASN A 371 34.14 -15.96 17.55
CA ASN A 371 35.40 -15.84 18.26
C ASN A 371 35.14 -15.74 19.77
N ALA A 372 36.21 -15.79 20.57
CA ALA A 372 36.06 -15.76 22.06
C ALA A 372 35.41 -14.44 22.50
N ASP A 373 35.61 -13.35 21.75
CA ASP A 373 35.01 -12.09 22.15
C ASP A 373 33.53 -12.01 21.73
N GLY A 374 33.03 -13.08 21.07
CA GLY A 374 31.65 -13.13 20.63
C GLY A 374 31.37 -12.50 19.31
N SER A 375 32.39 -12.05 18.58
CA SER A 375 32.22 -11.57 17.21
C SER A 375 32.10 -12.78 16.27
N ILE A 376 31.29 -12.62 15.21
CA ILE A 376 31.12 -13.69 14.20
C ILE A 376 32.46 -13.79 13.44
N LYS A 377 33.00 -15.01 13.31
CA LYS A 377 34.34 -15.21 12.68
C LYS A 377 34.35 -14.75 11.24
N ASP A 378 35.53 -14.28 10.75
CA ASP A 378 35.71 -13.77 9.40
C ASP A 378 35.40 -14.87 8.38
N ASP A 379 35.63 -16.14 8.71
CA ASP A 379 35.35 -17.16 7.72
C ASP A 379 33.86 -17.51 7.56
N VAL A 380 33.00 -16.96 8.40
CA VAL A 380 31.60 -17.06 8.24
C VAL A 380 31.17 -16.06 7.19
N THR A 381 31.82 -14.92 7.09
CA THR A 381 31.31 -13.88 6.19
C THR A 381 32.16 -13.48 5.01
N ALA A 382 33.30 -14.14 4.79
CA ALA A 382 34.18 -13.85 3.65
C ALA A 382 33.41 -13.98 2.32
N PHE A 383 32.42 -14.90 2.24
CA PHE A 383 31.67 -15.07 0.94
C PHE A 383 30.62 -13.98 0.71
N MET A 384 30.37 -13.10 1.70
CA MET A 384 29.20 -12.20 1.67
C MET A 384 29.44 -11.04 0.71
N PRO A 385 28.37 -10.45 0.20
CA PRO A 385 28.53 -9.20 -0.54
C PRO A 385 28.93 -8.05 0.41
N LYS A 386 29.45 -6.96 -0.18
CA LYS A 386 29.98 -5.83 0.53
C LYS A 386 29.34 -4.53 0.03
N GLY A 387 29.39 -3.49 0.87
CA GLY A 387 28.97 -2.19 0.44
C GLY A 387 27.50 -2.20 0.10
N GLU A 388 27.13 -1.49 -0.96
CA GLU A 388 25.72 -1.27 -1.25
C GLU A 388 25.03 -2.44 -1.92
N LEU A 389 25.78 -3.50 -2.31
CA LEU A 389 25.17 -4.75 -2.78
C LEU A 389 24.62 -5.58 -1.59
N ARG A 390 25.01 -5.24 -0.35
CA ARG A 390 24.48 -6.00 0.77
C ARG A 390 22.95 -5.85 0.82
N ILE A 391 22.25 -6.88 1.29
CA ILE A 391 20.82 -6.92 1.25
C ILE A 391 20.37 -5.75 2.18
N GLY A 392 21.05 -5.56 3.32
CA GLY A 392 20.61 -4.49 4.31
C GLY A 392 20.91 -3.08 3.79
N ALA A 393 21.84 -2.97 2.85
CA ALA A 393 22.36 -1.66 2.42
C ALA A 393 21.90 -1.24 1.07
N ASN A 394 21.29 -2.12 0.27
CA ASN A 394 20.91 -1.70 -1.05
C ASN A 394 19.90 -0.54 -0.95
N PRO A 395 20.07 0.50 -1.77
CA PRO A 395 19.23 1.69 -1.65
C PRO A 395 17.84 1.43 -2.23
N ASN A 396 17.66 0.41 -3.08
CA ASN A 396 16.33 0.01 -3.44
C ASN A 396 15.52 -0.48 -2.27
N ALA A 397 16.13 -0.92 -1.18
CA ALA A 397 15.35 -1.37 -0.02
C ALA A 397 15.15 -0.18 0.95
N ASN A 398 15.55 1.03 0.50
CA ASN A 398 15.42 2.26 1.33
C ASN A 398 15.23 3.35 0.30
N GLY A 399 14.16 3.21 -0.49
CA GLY A 399 14.08 3.89 -1.78
C GLY A 399 14.04 5.44 -1.69
N GLY A 400 13.66 6.00 -0.53
CA GLY A 400 13.77 7.46 -0.35
C GLY A 400 15.20 8.00 -0.55
N VAL A 401 16.22 7.13 -0.45
CA VAL A 401 17.63 7.47 -0.71
C VAL A 401 17.89 7.67 -2.22
N ILE A 402 17.12 6.98 -3.03
CA ILE A 402 17.16 7.12 -4.50
C ILE A 402 16.15 8.14 -5.03
N ARG A 403 15.01 8.23 -4.39
CA ARG A 403 13.94 9.12 -4.87
C ARG A 403 14.43 10.55 -5.20
N GLU A 404 13.98 11.11 -6.33
CA GLU A 404 14.11 12.55 -6.65
C GLU A 404 12.71 13.15 -6.84
N ASP A 405 12.55 14.45 -6.52
CA ASP A 405 11.29 15.15 -6.75
C ASP A 405 10.94 15.06 -8.20
N LEU A 406 9.64 15.01 -8.48
CA LEU A 406 9.20 14.94 -9.85
C LEU A 406 9.50 16.31 -10.47
N LYS A 407 9.83 16.31 -11.76
CA LYS A 407 9.83 17.55 -12.54
C LYS A 407 8.39 17.80 -12.94
N LEU A 408 7.71 18.67 -12.19
CA LEU A 408 6.28 18.92 -12.39
C LEU A 408 6.05 20.06 -13.41
N PRO A 409 5.12 19.87 -14.34
CA PRO A 409 4.75 20.99 -15.20
C PRO A 409 3.99 22.08 -14.38
N GLU A 410 4.04 23.31 -14.87
CA GLU A 410 3.35 24.44 -14.19
C GLU A 410 1.86 24.13 -14.16
N LEU A 411 1.24 24.30 -13.00
CA LEU A 411 -0.17 23.97 -12.88
C LEU A 411 -1.11 24.85 -13.72
N ASP A 412 -0.74 26.13 -13.89
CA ASP A 412 -1.69 27.12 -14.42
C ASP A 412 -2.17 26.78 -15.79
N GLN A 413 -1.35 26.11 -16.60
CA GLN A 413 -1.81 25.75 -17.94
C GLN A 413 -3.01 24.81 -17.99
N TYR A 414 -3.37 24.17 -16.85
CA TYR A 414 -4.45 23.17 -16.82
C TYR A 414 -5.76 23.78 -16.34
N GLU A 415 -5.66 25.01 -15.80
CA GLU A 415 -6.78 25.63 -15.09
C GLU A 415 -8.03 25.66 -16.00
N VAL A 416 -9.19 25.42 -15.42
CA VAL A 416 -10.47 25.67 -16.10
C VAL A 416 -10.75 27.18 -15.87
N THR A 417 -10.55 27.95 -16.95
CA THR A 417 -10.62 29.42 -16.86
C THR A 417 -12.05 29.92 -17.06
N GLY A 418 -12.97 28.99 -17.34
CA GLY A 418 -14.38 29.31 -17.44
C GLY A 418 -14.94 30.03 -16.22
N VAL A 419 -14.44 29.74 -15.02
CA VAL A 419 -14.89 30.41 -13.80
C VAL A 419 -14.53 31.91 -13.83
N LYS A 420 -13.28 32.22 -14.18
CA LYS A 420 -12.85 33.60 -14.40
C LYS A 420 -13.58 34.34 -15.53
N GLU A 421 -13.73 33.72 -16.68
CA GLU A 421 -14.33 34.41 -17.82
C GLU A 421 -15.85 34.55 -17.72
N TYR A 422 -16.53 33.55 -17.09
CA TYR A 422 -17.99 33.46 -17.11
C TYR A 422 -18.68 33.47 -15.78
N GLY A 423 -18.04 33.02 -14.73
CA GLY A 423 -18.63 33.00 -13.40
C GLY A 423 -18.51 31.66 -12.66
N HIS A 424 -18.61 31.69 -11.33
CA HIS A 424 -18.69 30.54 -10.46
C HIS A 424 -19.90 29.63 -10.83
N GLY A 425 -19.65 28.34 -11.12
CA GLY A 425 -20.72 27.37 -11.47
C GLY A 425 -20.80 27.14 -12.95
N TRP A 426 -19.85 27.69 -13.67
CA TRP A 426 -19.81 27.57 -15.09
C TRP A 426 -19.50 26.10 -15.57
N GLY A 427 -20.10 25.74 -16.70
CA GLY A 427 -19.66 24.68 -17.61
C GLY A 427 -20.09 23.27 -17.26
N GLN A 428 -19.57 22.32 -18.04
CA GLN A 428 -19.91 20.91 -17.90
C GLN A 428 -18.62 20.04 -17.90
N VAL A 429 -17.59 20.47 -17.17
CA VAL A 429 -16.27 19.90 -17.25
C VAL A 429 -16.30 18.51 -16.58
N GLU A 430 -15.61 17.50 -17.17
CA GLU A 430 -15.39 16.19 -16.44
C GLU A 430 -14.09 16.31 -15.69
N ALA A 431 -14.16 16.58 -14.39
CA ALA A 431 -12.98 17.02 -13.64
C ALA A 431 -11.67 16.22 -13.77
N PRO A 432 -11.73 14.85 -13.73
CA PRO A 432 -10.42 14.08 -13.83
C PRO A 432 -9.72 14.32 -15.15
N ARG A 433 -10.42 14.83 -16.17
CA ARG A 433 -9.71 15.13 -17.43
C ARG A 433 -8.57 16.14 -17.31
N ALA A 434 -8.67 17.07 -16.37
CA ALA A 434 -7.62 18.09 -16.15
C ALA A 434 -6.49 17.34 -15.45
N LEU A 435 -6.81 16.43 -14.52
CA LEU A 435 -5.77 15.64 -13.90
C LEU A 435 -5.08 14.70 -14.94
N GLY A 436 -5.83 14.15 -15.89
CA GLY A 436 -5.22 13.35 -16.92
C GLY A 436 -4.18 14.11 -17.74
N ALA A 437 -4.49 15.38 -18.05
CA ALA A 437 -3.61 16.19 -18.88
C ALA A 437 -2.39 16.47 -18.04
N TYR A 438 -2.57 16.73 -16.77
CA TYR A 438 -1.46 17.03 -15.90
C TYR A 438 -0.56 15.73 -15.78
N CYS A 439 -1.18 14.56 -15.54
CA CYS A 439 -0.42 13.31 -15.49
C CYS A 439 0.32 13.01 -16.80
N ARG A 440 -0.29 13.36 -17.92
CA ARG A 440 0.32 13.13 -19.22
C ARG A 440 1.69 13.85 -19.23
N ASP A 441 1.69 15.09 -18.75
CA ASP A 441 2.90 15.92 -18.85
C ASP A 441 3.88 15.55 -17.74
N ILE A 442 3.39 15.00 -16.63
CA ILE A 442 4.30 14.52 -15.60
C ILE A 442 5.09 13.31 -16.22
N ILE A 443 4.39 12.46 -16.93
CA ILE A 443 5.04 11.26 -17.51
C ILE A 443 6.04 11.75 -18.56
N LYS A 444 5.61 12.67 -19.44
CA LYS A 444 6.54 13.26 -20.37
C LYS A 444 7.82 13.79 -19.71
N ASN A 445 7.70 14.51 -18.58
CA ASN A 445 8.87 15.06 -17.93
C ASN A 445 9.61 14.04 -17.07
N ASN A 446 8.94 12.95 -16.68
CA ASN A 446 9.63 12.01 -15.83
C ASN A 446 9.38 10.63 -16.45
N PRO A 447 9.98 10.35 -17.62
CA PRO A 447 9.46 9.27 -18.47
C PRO A 447 9.63 7.83 -17.95
N ASP A 448 10.38 7.62 -16.88
CA ASP A 448 10.55 6.25 -16.38
C ASP A 448 10.41 6.13 -14.90
N SER A 449 9.86 7.18 -14.26
CA SER A 449 9.72 7.09 -12.81
C SER A 449 8.34 7.52 -12.31
N PHE A 450 7.36 7.70 -13.18
CA PHE A 450 5.98 7.99 -12.73
C PHE A 450 5.05 6.98 -13.45
N ARG A 451 4.33 6.13 -12.77
CA ARG A 451 3.48 5.20 -13.48
C ARG A 451 2.04 5.39 -13.06
N ILE A 452 1.12 5.02 -13.95
CA ILE A 452 -0.35 4.99 -13.61
C ILE A 452 -0.82 3.55 -13.55
N PHE A 453 -1.53 3.21 -12.46
CA PHE A 453 -2.18 1.93 -12.41
C PHE A 453 -3.70 2.08 -12.40
N GLY A 454 -4.41 1.12 -13.00
CA GLY A 454 -5.88 1.13 -12.93
C GLY A 454 -6.40 -0.30 -13.06
N PRO A 455 -7.48 -0.61 -12.31
CA PRO A 455 -8.04 -1.92 -12.52
C PRO A 455 -9.01 -1.95 -13.70
N ASP A 456 -8.47 -1.71 -14.89
CA ASP A 456 -9.27 -1.70 -16.13
C ASP A 456 -10.21 -0.48 -16.09
N GLU A 457 -9.73 0.62 -15.46
CA GLU A 457 -10.66 1.75 -15.24
C GLU A 457 -9.94 3.09 -15.55
N THR A 458 -8.68 3.06 -16.02
CA THR A 458 -8.01 4.32 -16.39
C THR A 458 -8.82 5.22 -17.34
N ALA A 459 -9.31 4.64 -18.45
CA ALA A 459 -10.18 5.39 -19.37
C ALA A 459 -11.52 5.72 -18.74
N SER A 460 -12.04 4.80 -17.94
CA SER A 460 -13.40 4.99 -17.39
C SER A 460 -13.36 6.19 -16.38
N ASN A 461 -12.24 6.29 -15.66
CA ASN A 461 -12.08 7.40 -14.69
C ASN A 461 -11.46 8.64 -15.37
N ARG A 462 -11.36 8.63 -16.69
CA ARG A 462 -10.99 9.82 -17.50
C ARG A 462 -9.53 10.28 -17.39
N LEU A 463 -8.59 9.36 -17.11
CA LEU A 463 -7.16 9.69 -17.04
C LEU A 463 -6.44 9.33 -18.36
N ASN A 464 -7.22 9.02 -19.39
CA ASN A 464 -6.65 8.54 -20.64
C ASN A 464 -5.94 9.59 -21.48
N ALA A 465 -5.92 10.87 -21.06
CA ALA A 465 -5.05 11.82 -21.83
C ALA A 465 -3.57 11.36 -21.75
N THR A 466 -3.24 10.52 -20.78
CA THR A 466 -1.87 9.94 -20.61
C THR A 466 -1.43 9.12 -21.79
N TYR A 467 -2.37 8.54 -22.53
CA TYR A 467 -2.05 7.66 -23.66
C TYR A 467 -1.52 8.49 -24.81
N GLU A 468 -1.65 9.82 -24.73
CA GLU A 468 -1.02 10.64 -25.76
C GLU A 468 0.49 10.57 -25.68
N VAL A 469 1.08 10.23 -24.53
CA VAL A 469 2.56 10.18 -24.48
C VAL A 469 3.12 8.80 -24.10
N THR A 470 2.25 7.85 -23.75
CA THR A 470 2.73 6.54 -23.42
C THR A 470 1.64 5.47 -23.73
N ASP A 471 1.91 4.19 -23.45
CA ASP A 471 0.95 3.13 -23.71
C ASP A 471 0.67 2.39 -22.43
N LYS A 472 -0.45 1.65 -22.38
CA LYS A 472 -0.62 0.62 -21.38
C LYS A 472 0.36 -0.48 -21.76
N GLN A 473 1.14 -0.90 -20.79
CA GLN A 473 2.17 -1.91 -21.02
C GLN A 473 1.51 -3.28 -20.94
N TRP A 474 1.67 -4.09 -21.97
CA TRP A 474 1.00 -5.40 -22.02
C TRP A 474 2.03 -6.33 -22.72
N ASP A 475 2.45 -7.35 -22.00
CA ASP A 475 3.47 -8.27 -22.50
C ASP A 475 2.83 -9.61 -22.60
N ASN A 476 1.88 -9.71 -23.53
CA ASN A 476 1.10 -10.90 -23.65
C ASN A 476 0.58 -10.83 -25.08
N GLY A 477 -0.29 -11.74 -25.51
CA GLY A 477 -0.55 -11.72 -26.98
C GLY A 477 -1.26 -10.44 -27.48
N TYR A 478 -0.92 -10.04 -28.71
CA TYR A 478 -1.54 -9.00 -29.51
C TYR A 478 -2.33 -9.71 -30.63
N LEU A 479 -3.39 -9.05 -31.10
CA LEU A 479 -4.22 -9.56 -32.21
C LEU A 479 -4.31 -8.65 -33.41
N SER A 480 -4.56 -7.36 -33.20
CA SER A 480 -4.95 -6.52 -34.31
C SER A 480 -5.01 -5.10 -33.88
N GLY A 481 -4.56 -4.18 -34.74
CA GLY A 481 -4.74 -2.73 -34.46
C GLY A 481 -6.24 -2.33 -34.39
N LEU A 482 -7.17 -3.18 -34.89
CA LEU A 482 -8.61 -2.92 -34.76
C LEU A 482 -9.09 -2.97 -33.32
N VAL A 483 -8.27 -3.60 -32.42
CA VAL A 483 -8.65 -3.79 -31.03
C VAL A 483 -7.61 -3.42 -30.03
N ASP A 484 -6.33 -3.53 -30.38
CA ASP A 484 -5.23 -3.19 -29.49
C ASP A 484 -4.92 -1.68 -29.79
N GLU A 485 -5.19 -0.79 -28.89
CA GLU A 485 -4.98 0.64 -29.13
C GLU A 485 -4.31 1.07 -27.88
N HIS A 486 -3.30 1.93 -27.96
CA HIS A 486 -2.72 2.54 -26.73
C HIS A 486 -2.13 1.47 -25.83
N MET A 487 -1.60 0.42 -26.44
CA MET A 487 -1.08 -0.74 -25.72
C MET A 487 0.25 -1.19 -26.43
N ALA A 488 1.34 -1.45 -25.68
CA ALA A 488 2.59 -1.84 -26.31
C ALA A 488 3.35 -2.66 -25.32
N VAL A 489 4.43 -3.34 -25.72
CA VAL A 489 5.14 -4.17 -24.72
C VAL A 489 5.86 -3.33 -23.67
N THR A 490 6.10 -2.02 -23.91
CA THR A 490 6.64 -1.22 -22.88
C THR A 490 5.75 0.05 -22.75
N GLY A 491 5.63 0.61 -21.55
CA GLY A 491 4.79 1.86 -21.39
C GLY A 491 4.66 2.12 -19.90
N GLN A 492 4.10 3.30 -19.55
CA GLN A 492 4.08 3.65 -18.12
C GLN A 492 2.68 3.58 -17.49
N VAL A 493 1.67 3.05 -18.22
CA VAL A 493 0.39 2.76 -17.58
C VAL A 493 0.35 1.21 -17.48
N THR A 494 -0.15 0.69 -16.33
CA THR A 494 -0.36 -0.73 -16.11
C THR A 494 -1.85 -0.96 -15.69
N GLU A 495 -2.57 -1.83 -16.42
CA GLU A 495 -3.90 -2.25 -15.98
C GLU A 495 -4.03 -3.77 -15.81
N GLN A 496 -4.69 -4.14 -14.72
CA GLN A 496 -5.16 -5.52 -14.51
C GLN A 496 -6.43 -5.42 -13.69
N LEU A 497 -7.39 -6.33 -13.94
CA LEU A 497 -8.66 -6.25 -13.22
C LEU A 497 -8.40 -6.84 -11.85
N SER A 498 -7.71 -6.05 -11.00
CA SER A 498 -7.37 -6.47 -9.63
C SER A 498 -6.90 -5.23 -8.82
N GLU A 499 -7.71 -4.79 -7.89
CA GLU A 499 -7.33 -3.63 -7.04
C GLU A 499 -6.10 -4.04 -6.24
N HIS A 500 -6.03 -5.32 -5.79
CA HIS A 500 -4.83 -5.76 -5.08
C HIS A 500 -3.50 -5.63 -5.84
N GLN A 501 -3.52 -5.98 -7.15
CA GLN A 501 -2.36 -5.78 -8.01
C GLN A 501 -2.09 -4.29 -8.13
N CYS A 502 -3.09 -3.48 -8.40
CA CYS A 502 -2.76 -2.06 -8.64
C CYS A 502 -2.13 -1.45 -7.39
N GLU A 503 -2.71 -1.74 -6.24
CA GLU A 503 -2.27 -1.13 -4.98
C GLU A 503 -0.85 -1.67 -4.62
N GLY A 504 -0.62 -2.97 -4.82
CA GLY A 504 0.63 -3.62 -4.45
C GLY A 504 1.78 -3.19 -5.36
N PHE A 505 1.51 -3.15 -6.67
CA PHE A 505 2.54 -2.73 -7.65
C PHE A 505 2.98 -1.29 -7.23
N LEU A 506 1.98 -0.46 -6.97
CA LEU A 506 2.22 0.99 -6.71
C LEU A 506 3.01 1.12 -5.44
N GLU A 507 2.61 0.43 -4.38
CA GLU A 507 3.34 0.55 -3.13
C GLU A 507 4.84 0.28 -3.29
N ALA A 508 5.21 -0.87 -3.93
CA ALA A 508 6.59 -1.21 -4.09
C ALA A 508 7.26 -0.21 -5.06
N TYR A 509 6.53 0.28 -6.04
CA TYR A 509 7.09 1.30 -6.91
C TYR A 509 7.52 2.54 -6.07
N LEU A 510 6.74 2.86 -5.04
CA LEU A 510 7.05 4.04 -4.18
C LEU A 510 8.19 3.69 -3.24
N LEU A 511 8.13 2.48 -2.70
CA LEU A 511 9.10 2.05 -1.73
C LEU A 511 10.50 1.94 -2.34
N THR A 512 10.61 1.80 -3.67
CA THR A 512 11.92 1.72 -4.32
C THR A 512 12.27 3.11 -4.90
N GLY A 513 11.50 4.13 -4.54
CA GLY A 513 11.92 5.50 -4.82
C GLY A 513 11.29 6.16 -6.02
N ARG A 514 10.21 5.59 -6.56
CA ARG A 514 9.62 6.22 -7.71
C ARG A 514 8.26 6.88 -7.33
N HIS A 515 7.37 7.11 -8.30
CA HIS A 515 6.18 7.99 -8.08
C HIS A 515 5.03 7.45 -8.91
N GLY A 516 3.78 7.82 -8.57
CA GLY A 516 2.70 7.53 -9.49
C GLY A 516 1.36 7.83 -8.87
N ILE A 517 0.33 7.30 -9.53
CA ILE A 517 -1.03 7.40 -9.06
C ILE A 517 -1.83 6.17 -9.54
N TRP A 518 -2.87 5.78 -8.83
CA TRP A 518 -3.89 4.93 -9.47
C TRP A 518 -5.30 5.44 -9.25
N SER A 519 -6.29 4.86 -9.95
CA SER A 519 -7.66 5.31 -9.82
C SER A 519 -8.52 4.08 -9.60
N SER A 520 -9.62 4.21 -8.87
CA SER A 520 -10.58 3.13 -8.64
C SER A 520 -11.98 3.70 -8.56
N TYR A 521 -12.97 3.01 -9.15
CA TYR A 521 -14.38 3.17 -8.73
C TYR A 521 -14.35 3.16 -7.23
N GLU A 522 -15.07 4.11 -6.63
CA GLU A 522 -14.98 4.35 -5.18
C GLU A 522 -15.44 3.18 -4.34
N SER A 523 -16.53 2.51 -4.74
CA SER A 523 -17.00 1.41 -3.88
C SER A 523 -16.00 0.26 -3.86
N PHE A 524 -15.23 0.10 -4.94
CA PHE A 524 -14.30 -1.05 -4.99
C PHE A 524 -12.97 -0.77 -4.38
N VAL A 525 -12.78 0.45 -3.85
CA VAL A 525 -11.53 0.73 -3.18
C VAL A 525 -11.52 -0.17 -1.97
N HIS A 526 -12.70 -0.50 -1.45
CA HIS A 526 -12.74 -1.36 -0.27
C HIS A 526 -12.06 -2.73 -0.42
N VAL A 527 -11.99 -3.22 -1.67
CA VAL A 527 -11.25 -4.48 -1.94
C VAL A 527 -9.87 -4.37 -1.29
N ILE A 528 -9.24 -3.20 -1.34
CA ILE A 528 -7.92 -3.12 -0.71
C ILE A 528 -7.84 -2.32 0.59
N ASP A 529 -8.96 -2.14 1.29
CA ASP A 529 -8.89 -1.56 2.61
C ASP A 529 -7.72 -2.09 3.43
N SER A 530 -7.58 -3.42 3.51
CA SER A 530 -6.58 -4.01 4.44
C SER A 530 -5.16 -3.69 3.93
N MET A 531 -4.98 -3.51 2.61
CA MET A 531 -3.62 -3.10 2.13
C MET A 531 -3.37 -1.63 2.56
N LEU A 532 -4.40 -0.80 2.47
CA LEU A 532 -4.21 0.61 2.91
C LEU A 532 -3.86 0.60 4.37
N ASN A 533 -4.50 -0.25 5.17
CA ASN A 533 -4.14 -0.33 6.57
C ASN A 533 -2.64 -0.66 6.78
N GLN A 534 -2.12 -1.64 6.02
CA GLN A 534 -0.74 -2.10 6.22
C GLN A 534 0.23 -1.03 5.76
N HIS A 535 -0.02 -0.42 4.62
CA HIS A 535 0.91 0.61 4.16
C HIS A 535 0.86 1.86 5.16
N ALA A 536 -0.33 2.18 5.66
CA ALA A 536 -0.44 3.29 6.70
C ALA A 536 0.39 2.87 7.91
N LYS A 537 0.30 1.59 8.35
CA LYS A 537 1.10 1.21 9.49
C LYS A 537 2.59 1.24 9.19
N TRP A 538 2.96 0.92 7.95
CA TRP A 538 4.41 0.98 7.59
C TRP A 538 4.84 2.47 7.79
N LEU A 539 4.03 3.37 7.23
CA LEU A 539 4.28 4.81 7.31
C LEU A 539 4.30 5.30 8.77
N GLU A 540 3.38 4.79 9.59
CA GLU A 540 3.34 5.20 10.96
C GLU A 540 4.67 4.89 11.65
N ALA A 541 5.17 3.66 11.48
CA ALA A 541 6.33 3.24 12.25
C ALA A 541 7.47 4.07 11.75
N THR A 542 7.47 4.36 10.46
CA THR A 542 8.59 5.01 9.83
C THR A 542 8.69 6.49 10.28
N VAL A 543 7.58 7.22 10.17
CA VAL A 543 7.62 8.61 10.58
C VAL A 543 7.90 8.74 12.06
N ARG A 544 7.52 7.75 12.86
CA ARG A 544 7.74 7.87 14.27
C ARG A 544 9.17 7.58 14.72
N GLU A 545 9.83 6.49 14.22
CA GLU A 545 11.05 6.06 14.86
C GLU A 545 12.11 5.44 13.95
N ILE A 546 12.02 5.64 12.63
CA ILE A 546 13.04 5.13 11.73
C ILE A 546 13.58 6.26 10.88
N PRO A 547 14.38 7.13 11.48
CA PRO A 547 14.76 8.31 10.63
C PRO A 547 15.76 7.96 9.54
N TRP A 548 16.48 6.84 9.64
CA TRP A 548 17.33 6.42 8.50
C TRP A 548 16.53 5.94 7.27
N ARG A 549 15.26 5.63 7.45
CA ARG A 549 14.46 5.17 6.29
C ARG A 549 13.88 6.41 5.74
N LYS A 550 14.43 6.90 4.62
CA LYS A 550 14.10 8.22 4.13
C LYS A 550 12.71 8.28 3.48
N PRO A 551 12.16 9.52 3.31
CA PRO A 551 10.79 9.66 2.86
C PRO A 551 10.58 9.07 1.47
N ILE A 552 9.49 8.33 1.28
CA ILE A 552 9.11 7.86 -0.05
C ILE A 552 7.98 8.71 -0.60
N SER A 553 7.73 8.62 -1.89
CA SER A 553 6.55 9.26 -2.47
C SER A 553 5.26 8.66 -1.85
N SER A 554 4.17 9.43 -1.97
CA SER A 554 2.93 9.05 -1.31
C SER A 554 2.14 8.13 -2.27
N VAL A 555 1.29 7.29 -1.70
CA VAL A 555 0.24 6.59 -2.48
C VAL A 555 -0.80 7.65 -2.84
N ASN A 556 -0.98 7.91 -4.14
CA ASN A 556 -2.00 8.81 -4.60
C ASN A 556 -3.13 8.02 -5.26
N LEU A 557 -4.33 8.08 -4.66
CA LEU A 557 -5.50 7.28 -5.15
C LEU A 557 -6.62 8.18 -5.54
N LEU A 558 -6.90 8.24 -6.86
CA LEU A 558 -8.05 8.95 -7.36
C LEU A 558 -9.31 8.09 -7.13
N VAL A 559 -10.14 8.47 -6.17
CA VAL A 559 -11.35 7.74 -5.85
C VAL A 559 -12.46 8.38 -6.69
N SER A 560 -12.86 7.71 -7.80
CA SER A 560 -13.84 8.33 -8.67
C SER A 560 -14.99 7.41 -9.07
N SER A 561 -15.76 7.80 -10.07
CA SER A 561 -16.97 7.02 -10.44
C SER A 561 -17.80 6.72 -9.18
N HIS A 562 -18.17 7.81 -8.47
CA HIS A 562 -18.61 7.66 -7.09
C HIS A 562 -20.09 7.29 -6.90
N VAL A 563 -20.45 7.17 -5.63
CA VAL A 563 -21.79 6.77 -5.17
C VAL A 563 -22.95 7.51 -5.84
N TRP A 564 -22.76 8.75 -6.30
CA TRP A 564 -23.90 9.55 -6.77
C TRP A 564 -24.15 9.36 -8.20
N ARG A 565 -23.17 8.88 -8.99
CA ARG A 565 -23.31 8.92 -10.44
C ARG A 565 -22.74 7.60 -11.11
N GLN A 566 -23.13 6.48 -10.55
CA GLN A 566 -22.76 5.18 -11.13
C GLN A 566 -23.91 4.83 -12.07
N ASP A 567 -23.92 5.56 -13.21
CA ASP A 567 -25.11 5.54 -14.08
C ASP A 567 -25.38 4.16 -14.70
N HIS A 568 -24.34 3.43 -15.11
CA HIS A 568 -24.59 2.10 -15.78
C HIS A 568 -24.73 0.95 -14.78
N ASN A 569 -24.43 1.22 -13.51
CA ASN A 569 -24.35 0.20 -12.47
C ASN A 569 -25.38 0.50 -11.42
N GLY A 570 -25.21 0.07 -10.16
CA GLY A 570 -26.32 0.25 -9.24
C GLY A 570 -25.82 0.18 -7.81
N PHE A 571 -26.64 -0.36 -6.94
CA PHE A 571 -26.42 -0.32 -5.50
C PHE A 571 -25.07 -0.96 -5.09
N SER A 572 -24.62 -2.04 -5.80
CA SER A 572 -23.33 -2.69 -5.48
C SER A 572 -22.14 -1.73 -5.61
N HIS A 573 -22.29 -0.73 -6.47
CA HIS A 573 -21.31 0.27 -6.75
C HIS A 573 -21.48 1.58 -5.93
N GLN A 574 -22.19 1.50 -4.80
CA GLN A 574 -22.50 2.73 -3.97
C GLN A 574 -22.00 2.50 -2.58
N ASP A 575 -20.73 2.89 -2.33
CA ASP A 575 -20.20 2.72 -1.00
C ASP A 575 -18.98 3.62 -0.85
N PRO A 576 -19.17 4.87 -0.35
CA PRO A 576 -18.08 5.82 -0.27
C PRO A 576 -17.26 5.63 1.01
N GLY A 577 -17.50 4.56 1.76
CA GLY A 577 -16.91 4.34 3.01
C GLY A 577 -15.44 4.11 3.27
N VAL A 578 -14.61 4.16 2.25
CA VAL A 578 -13.19 4.11 2.53
C VAL A 578 -12.80 5.36 3.38
N THR A 579 -13.57 6.48 3.23
CA THR A 579 -13.43 7.64 4.22
C THR A 579 -13.31 7.17 5.63
N SER A 580 -14.22 6.28 6.05
CA SER A 580 -14.25 5.79 7.41
C SER A 580 -13.08 4.94 7.81
N LEU A 581 -12.60 4.11 6.89
CA LEU A 581 -11.39 3.35 7.18
C LEU A 581 -10.20 4.27 7.38
N LEU A 582 -10.08 5.21 6.46
CA LEU A 582 -8.93 6.11 6.49
C LEU A 582 -8.84 6.93 7.80
N ILE A 583 -10.03 7.25 8.38
CA ILE A 583 -10.13 8.00 9.68
C ILE A 583 -9.50 7.19 10.76
N ASN A 584 -9.39 5.88 10.58
CA ASN A 584 -8.69 5.08 11.60
C ASN A 584 -7.16 5.08 11.46
N LYS A 585 -6.59 5.98 10.67
CA LYS A 585 -5.11 6.06 10.61
C LYS A 585 -4.70 7.55 10.65
N THR A 586 -5.24 8.25 11.66
CA THR A 586 -5.11 9.72 11.77
C THR A 586 -4.62 10.10 13.20
N PHE A 587 -3.75 9.29 13.80
CA PHE A 587 -3.31 9.43 15.18
C PHE A 587 -1.89 10.04 15.38
N ASN A 588 -1.64 10.51 16.61
CA ASN A 588 -0.30 10.81 17.16
C ASN A 588 0.33 11.90 16.35
N ASN A 589 -0.43 12.68 15.60
CA ASN A 589 0.19 13.66 14.70
C ASN A 589 1.25 13.05 13.69
N ASP A 590 1.01 11.79 13.29
CA ASP A 590 1.81 11.06 12.28
C ASP A 590 1.61 11.77 11.01
N HIS A 591 0.40 12.28 10.78
CA HIS A 591 0.04 12.88 9.50
C HIS A 591 0.42 12.01 8.30
N VAL A 592 0.07 10.74 8.32
CA VAL A 592 0.35 9.83 7.14
C VAL A 592 -0.90 9.62 6.26
N THR A 593 -2.05 10.22 6.65
CA THR A 593 -3.29 10.03 5.88
C THR A 593 -3.99 11.34 5.54
N ASN A 594 -4.43 11.48 4.30
CA ASN A 594 -5.20 12.64 3.87
C ASN A 594 -6.44 12.21 3.09
N ILE A 595 -7.57 12.91 3.37
CA ILE A 595 -8.80 12.68 2.64
C ILE A 595 -9.16 13.98 2.02
N TYR A 596 -9.11 14.08 0.69
CA TYR A 596 -9.43 15.30 0.01
C TYR A 596 -10.69 15.22 -0.84
N PHE A 597 -11.58 16.24 -0.78
CA PHE A 597 -12.68 16.26 -1.74
C PHE A 597 -12.50 17.30 -2.76
N ALA A 598 -12.38 16.87 -3.99
CA ALA A 598 -12.14 17.78 -5.05
C ALA A 598 -13.47 18.33 -5.52
N THR A 599 -13.66 19.61 -5.25
CA THR A 599 -14.92 20.28 -5.47
C THR A 599 -15.23 20.39 -6.92
N ASP A 600 -14.18 20.51 -7.70
CA ASP A 600 -14.20 20.68 -9.17
C ASP A 600 -12.76 20.42 -9.72
N ALA A 601 -12.54 20.65 -11.01
CA ALA A 601 -11.26 20.41 -11.63
C ALA A 601 -10.12 21.30 -11.08
N ASN A 602 -10.43 22.55 -10.69
CA ASN A 602 -9.37 23.48 -10.28
C ASN A 602 -8.95 23.09 -8.88
N MET A 603 -9.91 22.71 -8.04
CA MET A 603 -9.58 22.10 -6.76
C MET A 603 -8.75 20.77 -6.94
N LEU A 604 -9.19 19.91 -7.88
CA LEU A 604 -8.51 18.63 -8.13
C LEU A 604 -7.01 18.88 -8.51
N LEU A 605 -6.75 19.84 -9.40
CA LEU A 605 -5.43 20.25 -9.79
C LEU A 605 -4.61 20.72 -8.63
N ALA A 606 -5.18 21.53 -7.75
CA ALA A 606 -4.45 21.99 -6.59
C ALA A 606 -4.13 20.87 -5.59
N ILE A 607 -5.12 20.03 -5.32
CA ILE A 607 -4.90 18.87 -4.46
C ILE A 607 -3.79 17.97 -5.08
N SER A 608 -3.87 17.75 -6.39
CA SER A 608 -2.94 16.77 -7.03
C SER A 608 -1.49 17.21 -6.99
N GLU A 609 -1.24 18.51 -7.23
CA GLU A 609 0.10 19.09 -7.08
C GLU A 609 0.57 18.89 -5.68
N LYS A 610 -0.32 19.10 -4.74
CA LYS A 610 0.12 18.97 -3.41
C LYS A 610 0.52 17.48 -3.17
N CYS A 611 -0.32 16.58 -3.67
CA CYS A 611 -0.11 15.16 -3.32
C CYS A 611 1.16 14.72 -4.06
N PHE A 612 1.35 15.17 -5.30
CA PHE A 612 2.54 14.70 -6.03
C PHE A 612 3.86 15.19 -5.37
N LYS A 613 3.80 16.36 -4.67
CA LYS A 613 4.93 16.87 -3.84
C LYS A 613 5.07 16.18 -2.49
N SER A 614 3.99 15.67 -1.91
CA SER A 614 4.08 15.11 -0.56
C SER A 614 4.88 13.80 -0.50
N THR A 615 5.24 13.41 0.73
CA THR A 615 5.94 12.17 0.91
C THR A 615 5.38 11.54 2.14
N ASN A 616 5.61 10.23 2.24
CA ASN A 616 5.22 9.49 3.39
C ASN A 616 3.71 9.56 3.72
N LYS A 617 2.87 9.70 2.72
CA LYS A 617 1.43 9.74 2.92
C LYS A 617 0.63 8.67 2.12
N ILE A 618 -0.60 8.34 2.59
CA ILE A 618 -1.64 7.90 1.69
C ILE A 618 -2.61 9.09 1.48
N ASN A 619 -2.78 9.51 0.21
CA ASN A 619 -3.69 10.56 -0.19
C ASN A 619 -4.89 9.99 -0.97
N ALA A 620 -6.09 10.08 -0.40
CA ALA A 620 -7.29 9.64 -1.08
C ALA A 620 -7.94 10.90 -1.65
N ILE A 621 -7.99 10.96 -2.97
CA ILE A 621 -8.41 12.10 -3.70
C ILE A 621 -9.78 11.84 -4.31
N PHE A 622 -10.88 12.32 -3.66
CA PHE A 622 -12.26 12.10 -4.19
C PHE A 622 -12.64 13.11 -5.29
N ALA A 623 -13.02 12.64 -6.46
CA ALA A 623 -13.47 13.50 -7.47
C ALA A 623 -14.49 12.79 -8.32
N GLY A 624 -15.53 13.48 -8.74
CA GLY A 624 -16.49 12.89 -9.64
C GLY A 624 -15.97 13.05 -11.04
N LYS A 625 -16.32 12.11 -11.93
CA LYS A 625 -15.97 12.19 -13.31
C LYS A 625 -17.12 12.62 -14.21
N GLN A 626 -18.33 12.74 -13.66
CA GLN A 626 -19.46 13.21 -14.47
C GLN A 626 -19.29 14.69 -14.88
N PRO A 627 -19.90 15.08 -16.02
CA PRO A 627 -19.98 16.52 -16.35
C PRO A 627 -20.58 17.31 -15.18
N ALA A 628 -19.90 18.39 -14.80
CA ALA A 628 -20.23 19.04 -13.52
C ALA A 628 -19.76 20.54 -13.56
N PRO A 629 -20.38 21.42 -12.76
CA PRO A 629 -19.96 22.83 -12.71
C PRO A 629 -18.53 22.97 -12.15
N THR A 630 -17.83 24.03 -12.58
CA THR A 630 -16.56 24.41 -11.94
C THR A 630 -16.86 25.63 -11.03
N TRP A 631 -16.53 25.49 -9.76
CA TRP A 631 -16.93 26.44 -8.71
C TRP A 631 -15.89 27.57 -8.43
N VAL A 632 -14.60 27.19 -8.36
CA VAL A 632 -13.49 28.09 -7.95
C VAL A 632 -12.45 28.24 -9.06
N THR A 633 -11.69 29.33 -9.02
CA THR A 633 -10.55 29.53 -9.96
C THR A 633 -9.38 28.67 -9.43
N LEU A 634 -8.29 28.54 -10.18
CA LEU A 634 -7.13 27.77 -9.62
C LEU A 634 -6.51 28.53 -8.43
N ASP A 635 -6.36 29.87 -8.58
CA ASP A 635 -5.80 30.64 -7.42
C ASP A 635 -6.68 30.48 -6.21
N GLU A 636 -7.98 30.48 -6.38
CA GLU A 636 -8.81 30.26 -5.21
C GLU A 636 -8.64 28.83 -4.60
N ALA A 637 -8.57 27.81 -5.49
CA ALA A 637 -8.41 26.40 -5.04
C ALA A 637 -7.15 26.32 -4.21
N ARG A 638 -6.05 26.92 -4.74
CA ARG A 638 -4.75 26.90 -3.99
C ARG A 638 -4.90 27.45 -2.60
N ALA A 639 -5.59 28.60 -2.44
CA ALA A 639 -5.69 29.17 -1.05
C ALA A 639 -6.60 28.33 -0.21
N GLU A 640 -7.72 27.91 -0.81
CA GLU A 640 -8.73 27.16 -0.03
C GLU A 640 -8.22 25.79 0.44
N LEU A 641 -7.47 25.14 -0.47
CA LEU A 641 -6.87 23.82 -0.12
C LEU A 641 -6.00 23.95 1.08
N GLU A 642 -5.14 24.99 1.12
CA GLU A 642 -4.29 25.26 2.31
C GLU A 642 -5.00 25.43 3.63
N ALA A 643 -6.11 26.16 3.61
CA ALA A 643 -6.88 26.33 4.85
C ALA A 643 -7.57 25.02 5.18
N GLY A 644 -8.05 24.29 4.14
CA GLY A 644 -8.71 23.00 4.46
C GLY A 644 -10.21 23.11 4.27
N ALA A 645 -10.75 24.27 4.71
CA ALA A 645 -12.21 24.61 4.58
C ALA A 645 -12.25 26.09 4.34
N ALA A 646 -13.19 26.57 3.54
CA ALA A 646 -13.22 27.98 3.25
C ALA A 646 -14.66 28.51 3.01
N GLU A 647 -14.91 29.73 3.54
CA GLU A 647 -16.13 30.42 3.17
C GLU A 647 -16.13 30.77 1.74
N TRP A 648 -17.23 30.59 1.05
CA TRP A 648 -17.27 31.18 -0.31
C TRP A 648 -18.12 32.51 -0.26
N LYS A 649 -17.44 33.64 0.04
CA LYS A 649 -18.08 34.95 0.22
C LYS A 649 -18.84 35.37 -0.99
N TRP A 650 -18.42 35.04 -2.20
CA TRP A 650 -19.21 35.43 -3.35
C TRP A 650 -20.60 34.70 -3.41
N ALA A 651 -20.79 33.72 -2.53
CA ALA A 651 -21.99 32.91 -2.50
C ALA A 651 -22.79 33.15 -1.24
N SER A 652 -22.13 33.46 -0.15
CA SER A 652 -22.80 33.88 1.07
C SER A 652 -23.58 35.23 0.80
N ASN A 653 -24.65 35.48 1.52
CA ASN A 653 -25.40 36.76 1.37
C ASN A 653 -25.49 37.46 2.74
N ALA A 654 -25.09 36.78 3.81
CA ALA A 654 -25.03 37.42 5.10
C ALA A 654 -23.82 38.41 5.21
N GLU A 655 -24.01 39.44 6.04
CA GLU A 655 -23.04 40.55 6.28
C GLU A 655 -21.89 40.06 7.09
N ASN A 656 -22.22 39.30 8.13
CA ASN A 656 -21.30 38.80 9.11
C ASN A 656 -21.96 37.58 9.72
N ASN A 657 -21.26 36.90 10.63
CA ASN A 657 -21.76 35.69 11.25
C ASN A 657 -23.04 35.90 12.10
N ASP A 658 -23.25 37.15 12.58
CA ASP A 658 -24.39 37.40 13.48
C ASP A 658 -25.66 37.46 12.69
N GLU A 659 -25.55 37.92 11.49
CA GLU A 659 -26.69 37.94 10.63
C GLU A 659 -27.09 36.49 10.11
N VAL A 660 -26.10 35.61 9.93
CA VAL A 660 -26.30 34.23 9.38
C VAL A 660 -27.44 33.48 10.04
N GLN A 661 -28.44 33.10 9.24
CA GLN A 661 -29.48 32.22 9.84
C GLN A 661 -29.12 30.71 9.85
N VAL A 662 -28.39 30.29 8.82
CA VAL A 662 -27.87 28.91 8.74
C VAL A 662 -26.53 28.93 7.96
N VAL A 663 -25.59 28.10 8.45
CA VAL A 663 -24.35 27.80 7.66
C VAL A 663 -24.65 26.67 6.63
N LEU A 664 -24.52 26.96 5.36
CA LEU A 664 -24.53 25.93 4.30
C LEU A 664 -23.07 25.41 4.06
N ALA A 665 -22.79 24.20 4.53
CA ALA A 665 -21.48 23.60 4.37
C ALA A 665 -21.59 22.30 3.53
N SER A 666 -20.63 22.10 2.62
CA SER A 666 -20.59 20.83 1.87
C SER A 666 -19.15 20.27 1.64
N ALA A 667 -19.05 18.94 1.46
CA ALA A 667 -17.80 18.29 1.00
C ALA A 667 -18.21 17.26 -0.07
N GLY A 668 -17.69 17.45 -1.27
CA GLY A 668 -17.85 16.56 -2.42
C GLY A 668 -18.45 17.30 -3.56
N ASP A 669 -18.17 16.90 -4.79
CA ASP A 669 -18.73 17.61 -5.92
C ASP A 669 -20.28 17.64 -5.99
N VAL A 670 -20.90 16.53 -5.66
CA VAL A 670 -22.32 16.42 -5.88
C VAL A 670 -23.06 17.13 -4.73
N PRO A 671 -22.74 16.81 -3.47
CA PRO A 671 -23.30 17.57 -2.31
C PRO A 671 -23.16 19.13 -2.51
N THR A 672 -22.04 19.57 -3.07
CA THR A 672 -21.78 20.95 -3.29
C THR A 672 -22.71 21.49 -4.35
N GLN A 673 -22.82 20.82 -5.52
CA GLN A 673 -23.75 21.28 -6.51
C GLN A 673 -25.19 21.48 -5.91
N GLU A 674 -25.65 20.48 -5.14
CA GLU A 674 -27.00 20.46 -4.57
C GLU A 674 -27.17 21.58 -3.48
N LEU A 675 -26.17 21.77 -2.61
CA LEU A 675 -26.11 22.84 -1.64
C LEU A 675 -26.12 24.20 -2.35
N MET A 676 -25.33 24.34 -3.39
CA MET A 676 -25.35 25.59 -4.10
C MET A 676 -26.73 25.94 -4.72
N ALA A 677 -27.40 24.95 -5.31
CA ALA A 677 -28.75 25.19 -5.82
C ALA A 677 -29.71 25.53 -4.66
N ALA A 678 -29.60 24.84 -3.53
CA ALA A 678 -30.38 25.16 -2.37
C ALA A 678 -30.10 26.65 -1.93
N SER A 679 -28.82 27.07 -1.89
CA SER A 679 -28.42 28.46 -1.54
C SER A 679 -29.10 29.51 -2.46
N ASP A 680 -29.23 29.21 -3.75
CA ASP A 680 -29.79 30.10 -4.75
C ASP A 680 -31.28 30.26 -4.41
N ALA A 681 -31.92 29.14 -4.07
CA ALA A 681 -33.33 29.17 -3.68
C ALA A 681 -33.55 29.88 -2.31
N LEU A 682 -32.72 29.57 -1.33
CA LEU A 682 -32.77 30.22 -0.06
C LEU A 682 -32.52 31.76 -0.18
N ASN A 683 -31.61 32.19 -1.04
CA ASN A 683 -31.37 33.59 -1.26
C ASN A 683 -32.68 34.30 -1.70
N LYS A 684 -33.29 33.72 -2.75
CA LYS A 684 -34.54 34.20 -3.31
C LYS A 684 -35.74 34.24 -2.32
N MET A 685 -35.71 33.45 -1.25
CA MET A 685 -36.70 33.57 -0.20
C MET A 685 -36.33 34.59 0.89
N GLY A 686 -35.17 35.28 0.77
CA GLY A 686 -34.73 36.28 1.77
C GLY A 686 -34.13 35.64 3.01
N ILE A 687 -33.67 34.39 2.88
CA ILE A 687 -32.95 33.75 3.98
C ILE A 687 -31.47 34.24 3.94
N LYS A 688 -30.92 34.49 5.12
CA LYS A 688 -29.51 34.90 5.32
C LYS A 688 -28.66 33.71 5.76
N PHE A 689 -27.59 33.50 5.01
CA PHE A 689 -26.69 32.34 5.29
C PHE A 689 -25.29 32.65 4.78
N LYS A 690 -24.35 31.80 5.19
CA LYS A 690 -23.08 31.74 4.54
C LYS A 690 -22.84 30.32 3.92
N VAL A 691 -22.05 30.28 2.85
CA VAL A 691 -21.58 29.03 2.22
C VAL A 691 -20.10 28.68 2.58
N VAL A 692 -19.90 27.53 3.24
CA VAL A 692 -18.57 27.02 3.55
C VAL A 692 -18.28 25.70 2.71
N ASN A 693 -17.22 25.69 1.89
CA ASN A 693 -16.76 24.43 1.26
C ASN A 693 -15.66 23.71 2.03
N VAL A 694 -15.75 22.38 2.17
CA VAL A 694 -14.75 21.61 2.88
C VAL A 694 -14.02 20.72 1.85
N VAL A 695 -12.70 20.86 1.83
CA VAL A 695 -11.81 20.10 0.96
C VAL A 695 -10.96 19.11 1.71
N ASP A 696 -10.23 19.59 2.71
CA ASP A 696 -9.33 18.74 3.49
C ASP A 696 -9.94 18.29 4.81
N LEU A 697 -10.57 17.10 4.74
CA LEU A 697 -11.56 16.76 5.71
C LEU A 697 -10.99 16.73 7.12
N LEU A 698 -9.79 16.19 7.27
CA LEU A 698 -9.33 15.95 8.64
C LEU A 698 -8.97 17.29 9.33
N LYS A 699 -8.88 18.37 8.56
CA LYS A 699 -8.64 19.70 9.17
C LYS A 699 -9.86 20.19 10.00
N LEU A 700 -11.00 19.45 9.95
CA LEU A 700 -12.13 19.65 10.84
C LEU A 700 -11.92 19.10 12.25
N GLN A 701 -10.96 18.20 12.42
CA GLN A 701 -10.78 17.64 13.73
C GLN A 701 -10.22 18.72 14.66
N SER A 702 -10.28 18.50 15.96
CA SER A 702 -9.68 19.49 16.89
C SER A 702 -8.16 19.44 16.88
N ARG A 703 -7.50 20.54 17.30
CA ARG A 703 -6.05 20.59 17.42
C ARG A 703 -5.57 19.56 18.36
N GLU A 704 -6.35 19.23 19.38
CA GLU A 704 -5.90 18.20 20.29
C GLU A 704 -5.63 16.81 19.57
N ASN A 705 -6.43 16.52 18.53
CA ASN A 705 -6.36 15.26 17.77
C ASN A 705 -5.55 15.48 16.53
N ASN A 706 -5.37 16.72 16.09
CA ASN A 706 -4.70 16.98 14.85
C ASN A 706 -4.04 18.35 14.85
N ASP A 707 -2.74 18.38 15.12
CA ASP A 707 -1.98 19.64 15.33
C ASP A 707 -1.79 20.42 14.03
N GLU A 708 -2.36 19.93 12.93
CA GLU A 708 -2.35 20.77 11.74
C GLU A 708 -3.74 21.19 11.34
N ALA A 709 -4.74 20.83 12.12
CA ALA A 709 -6.16 21.20 11.80
C ALA A 709 -6.42 22.72 11.97
N LEU A 710 -7.63 23.17 11.57
CA LEU A 710 -8.09 24.57 11.86
C LEU A 710 -8.07 24.83 13.33
N THR A 711 -7.61 26.03 13.76
CA THR A 711 -7.73 26.33 15.24
C THR A 711 -9.20 26.47 15.61
N ASP A 712 -9.54 26.35 16.88
CA ASP A 712 -10.96 26.66 17.30
C ASP A 712 -11.40 28.00 16.79
N GLU A 713 -10.50 28.97 16.83
CA GLU A 713 -10.86 30.27 16.34
C GLU A 713 -11.18 30.33 14.84
N GLU A 714 -10.39 29.62 14.03
CA GLU A 714 -10.67 29.63 12.61
C GLU A 714 -11.95 28.79 12.35
N PHE A 715 -12.14 27.77 13.14
CA PHE A 715 -13.29 26.88 12.96
C PHE A 715 -14.60 27.68 13.26
N THR A 716 -14.62 28.27 14.46
CA THR A 716 -15.71 29.19 14.82
C THR A 716 -15.94 30.27 13.80
N GLU A 717 -14.92 30.89 13.27
CA GLU A 717 -15.13 31.84 12.22
C GLU A 717 -15.83 31.27 10.97
N LEU A 718 -15.51 30.00 10.66
CA LEU A 718 -16.14 29.40 9.45
C LEU A 718 -17.58 29.06 9.83
N PHE A 719 -17.74 28.41 10.94
CA PHE A 719 -18.99 27.69 11.17
C PHE A 719 -19.92 28.39 12.19
N THR A 720 -19.49 29.60 12.66
CA THR A 720 -20.12 30.41 13.72
C THR A 720 -20.07 29.81 15.08
N ALA A 721 -20.37 30.66 16.10
CA ALA A 721 -20.29 30.20 17.47
C ALA A 721 -21.56 29.48 17.81
N ASP A 722 -22.64 29.85 17.11
CA ASP A 722 -23.91 29.21 17.50
C ASP A 722 -25.06 29.23 16.48
N LYS A 723 -24.81 29.51 15.22
CA LYS A 723 -25.87 29.28 14.26
C LYS A 723 -25.95 27.76 13.86
N PRO A 724 -27.17 27.28 13.46
CA PRO A 724 -27.27 25.91 12.89
C PRO A 724 -26.39 25.76 11.62
N VAL A 725 -25.84 24.56 11.46
CA VAL A 725 -25.00 24.29 10.28
C VAL A 725 -25.62 23.12 9.50
N LEU A 726 -25.96 23.32 8.24
CA LEU A 726 -26.39 22.19 7.47
C LEU A 726 -25.12 21.71 6.76
N PHE A 727 -24.75 20.45 7.03
CA PHE A 727 -23.52 19.92 6.35
C PHE A 727 -23.87 18.77 5.39
N ALA A 728 -23.82 19.02 4.09
CA ALA A 728 -24.06 18.04 3.04
C ALA A 728 -22.73 17.31 2.75
N TYR A 729 -22.66 16.05 3.18
CA TYR A 729 -21.42 15.27 3.14
C TYR A 729 -21.45 14.10 2.09
N HIS A 730 -20.41 14.01 1.30
CA HIS A 730 -20.30 13.01 0.21
C HIS A 730 -20.48 11.56 0.73
N SER A 731 -19.98 11.26 1.91
CA SER A 731 -19.92 9.90 2.39
C SER A 731 -20.88 9.67 3.59
N TYR A 732 -20.57 8.81 4.52
CA TYR A 732 -21.44 8.51 5.63
C TYR A 732 -21.33 9.60 6.74
N ALA A 733 -22.50 10.04 7.22
CA ALA A 733 -22.56 11.23 8.10
C ALA A 733 -21.77 10.92 9.37
N GLN A 734 -21.85 9.69 9.87
CA GLN A 734 -21.00 9.21 10.93
C GLN A 734 -19.56 9.80 10.97
N ASP A 735 -18.94 9.93 9.80
CA ASP A 735 -17.55 10.32 9.74
C ASP A 735 -17.48 11.75 10.35
N VAL A 736 -18.20 12.71 9.77
CA VAL A 736 -18.16 14.13 10.21
C VAL A 736 -18.56 14.28 11.67
N ARG A 737 -19.65 13.60 12.07
CA ARG A 737 -20.09 13.59 13.47
C ARG A 737 -19.00 13.11 14.41
N GLY A 738 -18.34 11.99 14.09
CA GLY A 738 -17.25 11.58 15.01
C GLY A 738 -16.07 12.59 14.97
N LEU A 739 -15.82 13.20 13.83
CA LEU A 739 -14.63 14.05 13.71
C LEU A 739 -14.76 15.40 14.48
N ILE A 740 -15.98 15.94 14.59
CA ILE A 740 -16.14 17.30 15.17
C ILE A 740 -16.69 17.25 16.57
N TYR A 741 -16.63 16.08 17.18
CA TYR A 741 -17.20 15.84 18.50
C TYR A 741 -16.78 16.83 19.66
N ASP A 742 -15.64 17.48 19.53
CA ASP A 742 -15.12 18.34 20.63
C ASP A 742 -14.93 19.72 20.01
N ARG A 743 -15.56 19.99 18.88
CA ARG A 743 -15.44 21.31 18.30
C ARG A 743 -16.52 22.26 18.87
N PRO A 744 -16.21 23.58 18.94
CA PRO A 744 -17.24 24.57 19.29
C PRO A 744 -18.35 24.55 18.26
N ASN A 745 -19.59 24.50 18.77
CA ASN A 745 -20.82 24.59 17.98
C ASN A 745 -21.21 23.23 17.27
N HIS A 746 -20.53 22.15 17.61
CA HIS A 746 -20.80 20.89 16.92
C HIS A 746 -22.25 20.37 17.14
N ASP A 747 -22.88 20.66 18.31
CA ASP A 747 -24.27 20.27 18.57
C ASP A 747 -25.26 20.89 17.56
N ASN A 748 -24.85 21.94 16.88
CA ASN A 748 -25.68 22.59 15.89
C ASN A 748 -25.49 22.14 14.45
N PHE A 749 -24.53 21.25 14.22
CA PHE A 749 -24.35 20.64 12.89
C PHE A 749 -25.46 19.61 12.59
N HIS A 750 -26.09 19.76 11.44
CA HIS A 750 -26.96 18.65 11.00
C HIS A 750 -26.24 17.98 9.81
N VAL A 751 -25.67 16.79 10.01
CA VAL A 751 -24.88 16.19 8.86
C VAL A 751 -25.76 15.29 7.94
N VAL A 752 -25.87 15.61 6.66
CA VAL A 752 -26.63 14.78 5.76
C VAL A 752 -25.51 14.01 4.89
N GLY A 753 -25.53 12.68 4.92
CA GLY A 753 -24.62 11.85 4.11
C GLY A 753 -25.34 10.75 3.33
N TYR A 754 -24.55 9.93 2.64
CA TYR A 754 -25.11 8.74 1.99
C TYR A 754 -25.65 7.78 3.02
N LYS A 755 -26.83 7.23 2.75
CA LYS A 755 -27.47 6.37 3.76
C LYS A 755 -28.01 5.04 3.21
N GLU A 756 -27.20 4.44 2.31
CA GLU A 756 -27.48 3.11 1.72
C GLU A 756 -28.80 3.13 1.02
N GLN A 757 -29.02 4.18 0.22
CA GLN A 757 -30.22 4.24 -0.60
C GLN A 757 -29.79 4.51 -1.97
N GLY A 758 -30.36 3.78 -2.92
CA GLY A 758 -30.09 4.10 -4.31
C GLY A 758 -30.22 2.87 -5.23
N SER A 759 -30.23 3.07 -6.53
CA SER A 759 -30.14 1.90 -7.42
C SER A 759 -29.64 2.33 -8.76
N THR A 760 -30.06 1.67 -9.82
CA THR A 760 -29.76 2.17 -11.16
C THR A 760 -30.86 3.16 -11.53
N THR A 761 -30.55 4.46 -11.53
CA THR A 761 -31.63 5.41 -11.65
C THR A 761 -31.07 6.74 -12.14
N THR A 762 -31.85 7.82 -12.05
CA THR A 762 -31.35 9.07 -12.69
C THR A 762 -30.54 9.80 -11.63
N PRO A 763 -29.82 10.82 -12.05
CA PRO A 763 -29.00 11.54 -11.08
C PRO A 763 -29.85 12.21 -9.96
N PHE A 764 -30.99 12.79 -10.33
CA PHE A 764 -31.84 13.36 -9.28
C PHE A 764 -32.34 12.33 -8.31
N ASP A 765 -32.79 11.19 -8.84
CA ASP A 765 -33.28 10.15 -7.93
C ASP A 765 -32.21 9.73 -6.94
N MET A 766 -30.97 9.60 -7.39
CA MET A 766 -29.91 9.16 -6.44
C MET A 766 -29.76 10.19 -5.26
N VAL A 767 -29.68 11.47 -5.58
CA VAL A 767 -29.59 12.41 -4.40
C VAL A 767 -30.91 12.40 -3.60
N ARG A 768 -32.07 12.37 -4.31
CA ARG A 768 -33.38 12.34 -3.61
C ARG A 768 -33.50 11.31 -2.51
N VAL A 769 -33.11 10.06 -2.80
CA VAL A 769 -33.42 9.00 -1.86
C VAL A 769 -32.46 9.07 -0.69
N ASN A 770 -31.40 9.89 -0.82
CA ASN A 770 -30.56 10.06 0.40
C ASN A 770 -30.79 11.44 1.12
N ASP A 771 -31.87 12.14 0.72
CA ASP A 771 -32.20 13.52 1.22
C ASP A 771 -31.10 14.52 0.92
N MET A 772 -30.44 14.31 -0.25
CA MET A 772 -29.24 15.06 -0.59
C MET A 772 -29.54 16.01 -1.68
N ASP A 773 -30.71 15.88 -2.31
CA ASP A 773 -30.99 16.71 -3.46
C ASP A 773 -31.25 18.16 -2.90
N ARG A 774 -31.18 19.14 -3.78
CA ARG A 774 -31.28 20.58 -3.43
C ARG A 774 -32.56 20.95 -2.68
N TYR A 775 -33.65 20.23 -2.99
CA TYR A 775 -34.95 20.58 -2.49
C TYR A 775 -34.95 20.07 -1.10
N ALA A 776 -34.41 18.87 -0.90
CA ALA A 776 -34.38 18.39 0.50
C ALA A 776 -33.34 19.19 1.31
N LEU A 777 -32.30 19.69 0.64
CA LEU A 777 -31.29 20.47 1.42
C LEU A 777 -31.96 21.86 1.83
N GLN A 778 -32.65 22.50 0.89
CA GLN A 778 -33.45 23.72 1.17
C GLN A 778 -34.42 23.44 2.30
N ALA A 779 -35.17 22.35 2.24
CA ALA A 779 -36.03 22.00 3.39
C ALA A 779 -35.38 21.82 4.74
N ALA A 780 -34.25 21.12 4.74
CA ALA A 780 -33.55 20.86 5.97
C ALA A 780 -33.06 22.25 6.48
N ALA A 781 -32.68 23.17 5.59
CA ALA A 781 -32.14 24.42 6.06
C ALA A 781 -33.29 25.16 6.80
N LEU A 782 -34.47 25.33 6.12
CA LEU A 782 -35.72 25.83 6.73
C LEU A 782 -36.05 25.17 8.02
N LYS A 783 -35.87 23.87 8.13
CA LYS A 783 -36.27 23.19 9.39
C LYS A 783 -35.38 23.54 10.57
N LEU A 784 -34.14 23.87 10.22
CA LEU A 784 -33.18 24.19 11.22
C LEU A 784 -33.42 25.66 11.70
N ILE A 785 -33.84 26.55 10.78
CA ILE A 785 -34.12 27.96 11.02
C ILE A 785 -35.44 28.17 11.79
N ASP A 786 -36.60 27.78 11.19
CA ASP A 786 -37.87 27.75 11.95
C ASP A 786 -38.87 26.70 11.46
N ALA A 787 -38.92 25.55 12.12
CA ALA A 787 -39.73 24.42 11.64
C ALA A 787 -41.22 24.80 11.53
N ASP A 788 -41.76 25.50 12.55
CA ASP A 788 -43.16 25.93 12.56
C ASP A 788 -43.46 26.89 11.44
N LYS A 789 -42.64 27.94 11.30
CA LYS A 789 -42.90 28.96 10.31
C LYS A 789 -42.86 28.39 8.93
N TYR A 790 -41.92 27.45 8.68
CA TYR A 790 -41.73 27.02 7.31
C TYR A 790 -42.39 25.66 6.98
N ALA A 791 -43.24 25.18 7.89
CA ALA A 791 -43.99 23.91 7.70
C ALA A 791 -44.59 23.77 6.31
N ASP A 792 -45.28 24.80 5.86
CA ASP A 792 -45.88 24.68 4.56
C ASP A 792 -44.85 24.59 3.47
N LYS A 793 -43.86 25.48 3.51
CA LYS A 793 -42.84 25.48 2.44
C LYS A 793 -42.08 24.09 2.36
N ILE A 794 -41.80 23.51 3.49
CA ILE A 794 -41.09 22.24 3.61
C ILE A 794 -41.96 21.19 2.87
N ASP A 795 -43.27 21.18 3.16
CA ASP A 795 -44.24 20.38 2.43
C ASP A 795 -44.22 20.58 0.99
N GLU A 796 -44.17 21.81 0.50
CA GLU A 796 -44.16 22.00 -0.92
C GLU A 796 -42.84 21.48 -1.55
N LEU A 797 -41.73 21.62 -0.81
CA LEU A 797 -40.46 21.15 -1.35
C LEU A 797 -40.47 19.58 -1.42
N ASN A 798 -40.87 18.92 -0.34
CA ASN A 798 -41.12 17.47 -0.32
C ASN A 798 -42.02 16.98 -1.45
N ALA A 799 -43.02 17.80 -1.87
CA ALA A 799 -43.97 17.40 -2.87
C ALA A 799 -43.32 17.64 -4.15
N PHE A 800 -42.50 18.70 -4.24
CA PHE A 800 -41.81 18.82 -5.49
C PHE A 800 -40.80 17.63 -5.81
N ARG A 801 -40.24 17.05 -4.77
CA ARG A 801 -39.27 15.99 -4.98
C ARG A 801 -40.04 14.76 -5.56
N LYS A 802 -41.22 14.45 -4.97
CA LYS A 802 -42.16 13.44 -5.54
C LYS A 802 -42.54 13.71 -6.98
N LYS A 803 -42.87 14.95 -7.31
CA LYS A 803 -43.16 15.27 -8.66
C LYS A 803 -41.96 15.09 -9.58
N ALA A 804 -40.77 15.42 -9.09
CA ALA A 804 -39.62 15.35 -10.01
C ALA A 804 -39.31 13.85 -10.33
N PHE A 805 -39.51 13.03 -9.32
CA PHE A 805 -39.35 11.60 -9.39
C PHE A 805 -40.36 11.00 -10.39
N GLN A 806 -41.64 11.42 -10.30
CA GLN A 806 -42.70 10.87 -11.13
C GLN A 806 -42.41 11.30 -12.48
N PHE A 807 -41.85 12.50 -12.62
CA PHE A 807 -41.51 12.89 -13.91
C PHE A 807 -40.43 11.96 -14.54
N ALA A 808 -39.46 11.53 -13.72
CA ALA A 808 -38.34 10.69 -14.26
C ALA A 808 -38.94 9.31 -14.71
N VAL A 809 -39.72 8.71 -13.81
CA VAL A 809 -40.54 7.54 -14.10
C VAL A 809 -41.32 7.63 -15.38
N ASP A 810 -42.05 8.72 -15.61
CA ASP A 810 -42.93 8.75 -16.76
C ASP A 810 -42.18 9.08 -17.98
N ASN A 811 -41.13 9.87 -17.85
CA ASN A 811 -40.53 10.41 -19.06
C ASN A 811 -39.19 9.76 -19.41
N GLY A 812 -38.47 9.22 -18.45
CA GLY A 812 -37.17 8.57 -18.74
C GLY A 812 -35.91 9.47 -18.58
N TYR A 813 -36.13 10.71 -18.20
CA TYR A 813 -35.05 11.66 -17.91
C TYR A 813 -35.52 12.64 -16.77
N ASP A 814 -34.58 13.31 -16.12
CA ASP A 814 -34.91 14.15 -14.99
C ASP A 814 -35.64 15.46 -15.47
N ILE A 815 -36.41 16.03 -14.58
CA ILE A 815 -37.18 17.29 -14.87
C ILE A 815 -36.23 18.42 -15.30
N PRO A 816 -36.54 19.15 -16.40
CA PRO A 816 -35.61 20.15 -16.88
C PRO A 816 -35.25 21.19 -15.79
N GLU A 817 -36.22 21.57 -14.99
CA GLU A 817 -35.95 22.55 -13.94
C GLU A 817 -34.75 22.04 -13.10
N PHE A 818 -34.60 20.71 -12.96
CA PHE A 818 -33.48 20.17 -12.17
C PHE A 818 -32.20 20.21 -12.96
N THR A 819 -32.26 19.69 -14.18
CA THR A 819 -31.03 19.41 -14.87
C THR A 819 -30.48 20.68 -15.45
N ASP A 820 -31.38 21.60 -15.83
CA ASP A 820 -31.01 22.80 -16.58
C ASP A 820 -30.51 23.97 -15.70
N TRP A 821 -30.58 23.79 -14.37
CA TRP A 821 -30.20 24.84 -13.43
C TRP A 821 -28.72 25.12 -13.48
N VAL A 822 -28.38 26.42 -13.60
CA VAL A 822 -26.98 26.93 -13.57
C VAL A 822 -26.88 28.01 -12.47
N TYR A 823 -25.79 28.06 -11.71
CA TYR A 823 -25.68 29.01 -10.57
C TYR A 823 -25.83 30.42 -11.11
N PRO A 824 -26.53 31.33 -10.38
CA PRO A 824 -26.80 32.66 -11.06
C PRO A 824 -25.58 33.55 -11.42
N ASP A 825 -24.44 33.35 -10.75
CA ASP A 825 -23.23 34.08 -11.18
C ASP A 825 -22.80 33.84 -12.67
N VAL A 826 -23.22 32.75 -13.31
CA VAL A 826 -22.63 32.48 -14.64
C VAL A 826 -23.01 33.52 -15.72
MG MG B . 4.40 -23.00 4.76
N1' HTL C . -4.37 -14.31 7.21
C2' HTL C . -3.56 -13.40 6.58
C2A HTL C . -4.02 -12.64 5.33
N3' HTL C . -2.34 -13.19 7.04
C4' HTL C . -1.91 -13.89 8.15
N4' HTL C . -0.68 -13.54 8.62
C5' HTL C . -2.74 -14.81 8.84
C6' HTL C . -3.98 -14.98 8.28
C35 HTL C . -2.48 -15.69 10.13
N3 HTL C . -1.23 -16.45 9.82
C2 HTL C . -0.02 -16.08 10.32
S1 HTL C . 1.24 -17.15 9.66
C5 HTL C . 0.06 -18.19 8.92
C4 HTL C . -1.20 -17.63 9.09
C4A HTL C . -2.49 -18.26 8.64
C5A HTL C . 0.62 -19.42 8.20
C5B HTL C . 1.49 -19.08 7.01
O5G HTL C . 1.97 -20.34 6.48
P1 HTL C . 2.94 -20.23 5.30
O11 HTL C . 4.33 -19.73 5.91
O12 HTL C . 2.97 -21.60 4.68
O13 HTL C . 2.60 -19.15 4.43
P2 HTL C . 5.34 -20.72 6.71
O21 HTL C . 5.01 -22.19 6.61
O22 HTL C . 6.65 -20.39 5.94
O23 HTL C . 5.45 -20.19 8.14
C1' HTL C . 0.35 -15.00 11.33
O2' HTL C . -0.49 -14.22 11.85
C3' HTL C . 1.86 -14.83 11.59
NA NA D . -22.20 17.56 21.85
C1 EDO E . -22.75 34.07 15.51
O1 EDO E . -22.99 32.91 16.35
C2 EDO E . -21.29 34.53 15.64
O2 EDO E . -20.38 33.48 15.25
C1 EDO F . -20.59 35.94 5.95
O1 EDO F . -19.69 36.71 5.12
C2 EDO F . -20.17 35.73 7.41
O2 EDO F . -18.76 35.41 7.53
C1 EDO G . 6.02 -34.01 -13.57
O1 EDO G . 5.96 -32.94 -14.53
C2 EDO G . 6.71 -33.49 -12.31
O2 EDO G . 8.02 -33.00 -12.66
C1 EDO H . 19.71 -5.31 27.51
O1 EDO H . 19.40 -6.61 26.94
C2 EDO H . 20.44 -5.47 28.85
O2 EDO H . 21.75 -6.09 28.67
C1 EDO I . 4.76 1.66 15.78
O1 EDO I . 4.93 2.67 16.80
C2 EDO I . 4.88 0.30 16.45
O2 EDO I . 6.06 -0.32 15.89
C1 EDO J . 12.02 -34.86 7.90
O1 EDO J . 11.52 -34.10 9.00
C2 EDO J . 10.87 -35.83 7.75
O2 EDO J . 9.60 -35.11 7.54
C1 EDO K . 9.18 -35.39 -1.01
O1 EDO K . 10.34 -36.20 -0.81
C2 EDO K . 8.99 -34.57 0.26
O2 EDO K . 7.66 -34.76 0.73
C1 EDO L . -39.99 24.49 -7.44
O1 EDO L . -39.15 24.63 -8.58
C2 EDO L . -39.10 23.88 -6.41
O2 EDO L . -39.43 24.52 -5.17
C1 EDO M . -7.70 -0.82 -26.02
O1 EDO M . -6.86 0.06 -25.25
C2 EDO M . -7.21 -2.25 -25.67
O2 EDO M . -5.87 -2.34 -26.20
C1 EDO N . -9.25 10.21 15.00
O1 EDO N . -8.04 11.01 14.95
C2 EDO N . -10.18 10.51 16.16
O2 EDO N . -9.61 9.94 17.34
#